data_2EG7
#
_entry.id   2EG7
#
_cell.length_a   51.585
_cell.length_b   79.628
_cell.length_c   180.652
_cell.angle_alpha   90.00
_cell.angle_beta   90.00
_cell.angle_gamma   90.00
#
_symmetry.space_group_name_H-M   'P 21 21 21'
#
loop_
_entity.id
_entity.type
_entity.pdbx_description
1 polymer Dihydroorotase
2 non-polymer 'ZINC ION'
3 non-polymer '2-OXO-1,2,3,6-TETRAHYDROPYRIMIDINE-4,6-DICARBOXYLIC ACID'
4 water water
#
_entity_poly.entity_id   1
_entity_poly.type   'polypeptide(L)'
_entity_poly.pdbx_seq_one_letter_code
;TAPSQVLKIRRPDDWHLHLRDGDMLKTVVPYTSEIYGRAIVMPNLAPPVTTVEAAVAYRQRILDAVPAGHDFTPLMTCYL
TDSLDPNELERGFNEGVFTAA(KCX)LYPANATTNSSHGVTSVDAIMPVLERMEKIGMPLLVHGEVTHADIDIFDREARF
IESVMEPLRQRLTALKVVFEHITTKDAADYVRDGNERLAATITPQHLMFNRNHMLVGGVRPHLYCLPILKRNIHQQALRE
LVASGFNRVFLGTDSAPHARHRKESSCGCAGCFNAPTALGSYATVFEEMNALQHFEAFCSVNGPQFYGLPVNDTFIELVR
EEQQVAESIALTDDTLVPFLAGETVRWSVKQ
;
_entity_poly.pdbx_strand_id   A,B
#
loop_
_chem_comp.id
_chem_comp.type
_chem_comp.name
_chem_comp.formula
OTD non-polymer '2-OXO-1,2,3,6-TETRAHYDROPYRIMIDINE-4,6-DICARBOXYLIC ACID' 'C6 H6 N2 O5'
ZN non-polymer 'ZINC ION' 'Zn 2'
#
# COMPACT_ATOMS: atom_id res chain seq x y z
N SER A 4 5.21 -39.29 -4.45
CA SER A 4 5.09 -37.92 -3.86
C SER A 4 4.30 -37.90 -2.54
N GLN A 5 4.79 -37.06 -1.62
CA GLN A 5 4.37 -37.04 -0.21
C GLN A 5 2.89 -36.72 0.00
N VAL A 6 2.25 -37.41 0.94
CA VAL A 6 0.84 -37.22 1.26
C VAL A 6 0.62 -36.78 2.69
N LEU A 7 -0.30 -35.82 2.86
CA LEU A 7 -0.73 -35.37 4.19
C LEU A 7 -2.20 -35.63 4.38
N LYS A 8 -2.53 -36.62 5.19
CA LYS A 8 -3.89 -36.94 5.52
C LYS A 8 -4.26 -36.24 6.84
N ILE A 9 -5.32 -35.43 6.81
CA ILE A 9 -5.84 -34.74 7.99
C ILE A 9 -7.33 -35.02 8.14
N ARG A 10 -7.85 -34.85 9.35
CA ARG A 10 -9.30 -34.85 9.52
C ARG A 10 -9.81 -33.69 8.69
N ARG A 11 -11.02 -33.82 8.17
CA ARG A 11 -11.59 -32.77 7.35
CA ARG A 11 -11.55 -32.77 7.33
C ARG A 11 -11.51 -31.44 8.09
N PRO A 12 -10.94 -30.41 7.44
CA PRO A 12 -10.79 -29.12 8.10
C PRO A 12 -12.11 -28.32 8.20
N ASP A 13 -12.04 -27.20 8.89
CA ASP A 13 -13.12 -26.20 8.95
C ASP A 13 -12.52 -24.81 8.74
N ASP A 14 -13.34 -23.89 8.23
CA ASP A 14 -12.89 -22.49 8.06
C ASP A 14 -13.55 -21.62 9.10
N TRP A 15 -12.79 -21.14 10.11
CA TRP A 15 -13.39 -20.37 11.22
C TRP A 15 -13.56 -18.86 10.98
N HIS A 16 -13.32 -18.41 9.73
CA HIS A 16 -13.56 -17.01 9.36
C HIS A 16 -13.72 -16.91 7.84
N LEU A 17 -14.97 -16.81 7.36
CA LEU A 17 -15.21 -16.77 5.94
C LEU A 17 -16.29 -15.75 5.48
N HIS A 18 -16.04 -15.13 4.31
CA HIS A 18 -17.05 -14.31 3.63
C HIS A 18 -17.57 -14.97 2.37
N LEU A 19 -18.87 -15.26 2.33
CA LEU A 19 -19.51 -15.90 1.16
C LEU A 19 -20.29 -14.96 0.26
N ARG A 20 -20.49 -13.73 0.75
CA ARG A 20 -21.22 -12.72 0.02
C ARG A 20 -22.68 -13.18 -0.15
N ASP A 21 -23.30 -12.91 -1.30
CA ASP A 21 -24.70 -13.25 -1.50
C ASP A 21 -24.99 -13.25 -3.00
N GLY A 22 -26.22 -13.62 -3.39
CA GLY A 22 -26.65 -13.59 -4.79
C GLY A 22 -25.76 -14.44 -5.69
N ASP A 23 -25.38 -13.90 -6.84
CA ASP A 23 -24.57 -14.64 -7.81
C ASP A 23 -23.16 -14.93 -7.32
N MET A 24 -22.59 -14.05 -6.51
CA MET A 24 -21.22 -14.24 -6.06
C MET A 24 -21.16 -15.44 -5.11
N LEU A 25 -22.07 -15.48 -4.15
CA LEU A 25 -22.28 -16.66 -3.31
C LEU A 25 -22.33 -17.97 -4.12
N LYS A 26 -23.16 -18.01 -5.14
CA LYS A 26 -23.27 -19.20 -5.96
C LYS A 26 -21.92 -19.63 -6.55
N THR A 27 -21.06 -18.68 -6.94
CA THR A 27 -19.77 -18.99 -7.53
C THR A 27 -18.73 -19.45 -6.50
N VAL A 28 -18.72 -18.83 -5.32
CA VAL A 28 -17.62 -19.04 -4.37
C VAL A 28 -17.88 -20.12 -3.29
N VAL A 29 -19.14 -20.40 -3.00
CA VAL A 29 -19.48 -21.49 -2.11
C VAL A 29 -18.76 -22.82 -2.40
N PRO A 30 -18.85 -23.29 -3.64
CA PRO A 30 -18.23 -24.60 -3.99
C PRO A 30 -16.75 -24.74 -3.61
N TYR A 31 -16.00 -23.62 -3.60
CA TYR A 31 -14.58 -23.62 -3.32
C TYR A 31 -14.36 -23.93 -1.84
N THR A 32 -15.37 -23.58 -1.04
CA THR A 32 -15.34 -23.86 0.37
C THR A 32 -15.97 -25.23 0.70
N SER A 33 -17.12 -25.51 0.12
CA SER A 33 -17.88 -26.71 0.48
C SER A 33 -17.26 -28.04 0.03
N GLU A 34 -16.41 -28.01 -1.00
CA GLU A 34 -15.73 -29.22 -1.42
C GLU A 34 -14.65 -29.64 -0.42
N ILE A 35 -14.15 -28.71 0.39
CA ILE A 35 -13.01 -28.98 1.27
C ILE A 35 -13.36 -28.97 2.77
N TYR A 36 -14.05 -27.94 3.22
CA TYR A 36 -14.26 -27.75 4.65
C TYR A 36 -15.61 -28.30 5.08
N GLY A 37 -15.65 -28.86 6.30
CA GLY A 37 -16.90 -29.47 6.82
C GLY A 37 -17.83 -28.37 7.31
N ARG A 38 -17.23 -27.38 7.98
CA ARG A 38 -17.92 -26.21 8.52
C ARG A 38 -17.15 -24.92 8.25
N ALA A 39 -17.90 -23.83 8.16
CA ALA A 39 -17.29 -22.49 8.13
C ALA A 39 -18.09 -21.50 8.94
N ILE A 40 -17.38 -20.61 9.61
CA ILE A 40 -17.97 -19.47 10.27
C ILE A 40 -18.25 -18.45 9.16
N VAL A 41 -19.53 -18.14 8.95
CA VAL A 41 -19.95 -17.28 7.86
C VAL A 41 -20.18 -15.90 8.43
N MET A 42 -19.33 -14.95 8.01
CA MET A 42 -19.33 -13.58 8.54
C MET A 42 -20.59 -12.81 8.05
N PRO A 43 -21.00 -11.79 8.80
CA PRO A 43 -22.36 -11.25 8.70
C PRO A 43 -22.46 -9.95 7.92
N ASN A 44 -21.37 -9.53 7.30
CA ASN A 44 -21.26 -8.18 6.76
C ASN A 44 -21.83 -8.07 5.35
N LEU A 45 -23.07 -8.47 5.17
CA LEU A 45 -23.81 -8.23 3.95
C LEU A 45 -24.30 -6.79 3.97
N ALA A 46 -24.88 -6.37 2.85
CA ALA A 46 -25.48 -5.05 2.70
C ALA A 46 -26.96 -5.23 2.33
N PRO A 47 -27.86 -5.08 3.31
CA PRO A 47 -27.62 -4.81 4.71
C PRO A 47 -27.10 -6.02 5.54
N PRO A 48 -26.46 -5.73 6.67
CA PRO A 48 -25.86 -6.74 7.51
C PRO A 48 -26.87 -7.70 8.16
N VAL A 49 -26.37 -8.87 8.54
CA VAL A 49 -27.15 -9.92 9.16
C VAL A 49 -27.18 -9.64 10.68
N THR A 50 -28.29 -9.04 11.08
CA THR A 50 -28.52 -8.56 12.44
C THR A 50 -29.79 -9.15 13.07
N THR A 51 -30.49 -10.06 12.37
CA THR A 51 -31.70 -10.73 12.90
C THR A 51 -31.66 -12.25 12.72
N VAL A 52 -32.37 -12.98 13.58
CA VAL A 52 -32.50 -14.45 13.39
C VAL A 52 -33.14 -14.76 12.02
N GLU A 53 -34.19 -14.03 11.68
CA GLU A 53 -34.87 -14.21 10.39
C GLU A 53 -33.91 -14.06 9.20
N ALA A 54 -33.10 -13.01 9.19
CA ALA A 54 -32.15 -12.80 8.09
C ALA A 54 -31.16 -13.96 7.99
N ALA A 55 -30.60 -14.36 9.13
CA ALA A 55 -29.62 -15.45 9.21
C ALA A 55 -30.18 -16.81 8.72
N VAL A 56 -31.45 -17.06 9.02
CA VAL A 56 -32.07 -18.29 8.55
C VAL A 56 -32.19 -18.27 7.02
N ALA A 57 -32.64 -17.16 6.44
CA ALA A 57 -32.75 -17.07 4.99
C ALA A 57 -31.35 -17.13 4.34
N TYR A 58 -30.37 -16.45 4.92
CA TYR A 58 -28.99 -16.47 4.37
C TYR A 58 -28.40 -17.89 4.38
N ARG A 59 -28.54 -18.57 5.51
CA ARG A 59 -28.12 -19.95 5.60
C ARG A 59 -28.72 -20.82 4.46
N GLN A 60 -29.99 -20.65 4.17
CA GLN A 60 -30.67 -21.44 3.15
C GLN A 60 -30.15 -21.13 1.76
N ARG A 61 -29.87 -19.86 1.50
CA ARG A 61 -29.28 -19.44 0.23
C ARG A 61 -27.88 -20.08 0.03
N ILE A 62 -27.12 -20.13 1.11
CA ILE A 62 -25.85 -20.86 1.13
C ILE A 62 -26.05 -22.34 0.79
N LEU A 63 -26.90 -23.01 1.56
CA LEU A 63 -27.23 -24.41 1.36
C LEU A 63 -27.72 -24.70 -0.08
N ASP A 64 -28.53 -23.79 -0.63
CA ASP A 64 -29.04 -23.92 -1.99
C ASP A 64 -27.89 -24.00 -2.96
N ALA A 65 -26.78 -23.36 -2.61
CA ALA A 65 -25.64 -23.18 -3.51
C ALA A 65 -24.58 -24.24 -3.32
N VAL A 66 -24.80 -25.15 -2.37
CA VAL A 66 -23.81 -26.19 -2.09
C VAL A 66 -23.95 -27.33 -3.12
N PRO A 67 -22.88 -27.61 -3.89
CA PRO A 67 -23.01 -28.63 -4.91
C PRO A 67 -23.39 -29.98 -4.34
N ALA A 68 -24.11 -30.78 -5.13
CA ALA A 68 -24.59 -32.08 -4.65
C ALA A 68 -23.42 -33.00 -4.21
N GLY A 69 -23.58 -33.58 -3.02
CA GLY A 69 -22.61 -34.51 -2.46
C GLY A 69 -21.71 -33.90 -1.40
N HIS A 70 -21.59 -32.56 -1.40
CA HIS A 70 -20.72 -31.86 -0.43
C HIS A 70 -21.36 -31.82 0.95
N ASP A 71 -20.60 -32.21 1.98
CA ASP A 71 -21.12 -32.22 3.33
C ASP A 71 -20.61 -30.96 3.96
N PHE A 72 -21.38 -29.89 3.81
CA PHE A 72 -20.94 -28.58 4.26
C PHE A 72 -22.01 -27.96 5.11
N THR A 73 -21.63 -27.45 6.29
CA THR A 73 -22.57 -26.74 7.15
C THR A 73 -22.10 -25.35 7.48
N PRO A 74 -22.87 -24.35 7.03
CA PRO A 74 -22.48 -22.96 7.36
C PRO A 74 -22.94 -22.63 8.78
N LEU A 75 -22.02 -22.05 9.54
CA LEU A 75 -22.20 -21.59 10.90
C LEU A 75 -22.40 -20.06 10.94
N MET A 76 -23.60 -19.63 11.27
CA MET A 76 -24.02 -18.24 11.04
C MET A 76 -23.59 -17.35 12.20
N THR A 77 -23.47 -16.06 11.91
CA THR A 77 -23.05 -15.09 12.89
C THR A 77 -23.97 -13.90 12.86
N CYS A 78 -24.05 -13.20 13.98
CA CYS A 78 -24.78 -11.93 14.07
C CYS A 78 -23.82 -10.71 14.04
N TYR A 79 -24.07 -9.77 13.12
CA TYR A 79 -23.36 -8.48 13.09
C TYR A 79 -23.83 -7.66 14.32
N LEU A 80 -22.92 -7.42 15.24
CA LEU A 80 -23.24 -6.54 16.38
C LEU A 80 -23.46 -5.08 15.94
N THR A 81 -24.55 -4.50 16.45
CA THR A 81 -24.95 -3.11 16.22
C THR A 81 -25.47 -2.48 17.53
N ASP A 82 -25.40 -1.16 17.62
CA ASP A 82 -25.99 -0.40 18.75
C ASP A 82 -27.47 -0.72 19.03
N SER A 83 -28.23 -0.98 17.95
CA SER A 83 -29.68 -1.20 18.05
C SER A 83 -30.05 -2.65 18.22
N LEU A 84 -29.08 -3.55 18.12
CA LEU A 84 -29.37 -4.96 18.35
C LEU A 84 -29.97 -5.23 19.73
N ASP A 85 -31.12 -5.89 19.73
CA ASP A 85 -31.80 -6.35 20.96
C ASP A 85 -31.04 -7.57 21.49
N PRO A 86 -30.57 -7.51 22.75
CA PRO A 86 -29.91 -8.71 23.29
C PRO A 86 -30.79 -9.97 23.32
N ASN A 87 -32.11 -9.81 23.34
CA ASN A 87 -33.03 -10.96 23.28
C ASN A 87 -33.04 -11.57 21.88
N GLU A 88 -32.84 -10.75 20.86
CA GLU A 88 -32.82 -11.27 19.51
C GLU A 88 -31.56 -12.13 19.31
N LEU A 89 -30.44 -11.66 19.83
CA LEU A 89 -29.17 -12.38 19.75
C LEU A 89 -29.27 -13.71 20.56
N GLU A 90 -29.85 -13.66 21.76
CA GLU A 90 -29.98 -14.85 22.59
C GLU A 90 -30.91 -15.91 21.98
N ARG A 91 -32.03 -15.46 21.43
CA ARG A 91 -32.94 -16.35 20.69
C ARG A 91 -32.22 -17.06 19.52
N GLY A 92 -31.42 -16.32 18.75
CA GLY A 92 -30.70 -16.93 17.64
C GLY A 92 -29.66 -17.96 18.09
N PHE A 93 -28.96 -17.66 19.18
CA PHE A 93 -28.02 -18.57 19.81
C PHE A 93 -28.73 -19.83 20.33
N ASN A 94 -29.76 -19.63 21.16
CA ASN A 94 -30.58 -20.74 21.65
C ASN A 94 -31.12 -21.66 20.55
N GLU A 95 -31.50 -21.07 19.41
CA GLU A 95 -32.12 -21.80 18.30
C GLU A 95 -31.09 -22.43 17.38
N GLY A 96 -29.81 -22.24 17.67
CA GLY A 96 -28.74 -22.79 16.87
C GLY A 96 -28.57 -22.07 15.56
N VAL A 97 -29.17 -20.88 15.45
CA VAL A 97 -29.05 -20.05 14.25
C VAL A 97 -27.70 -19.28 14.30
N PHE A 98 -27.44 -18.55 15.40
CA PHE A 98 -26.17 -17.87 15.57
C PHE A 98 -25.20 -18.71 16.36
N THR A 99 -24.07 -19.05 15.75
CA THR A 99 -22.98 -19.75 16.43
C THR A 99 -22.13 -18.75 17.22
N ALA A 100 -21.93 -17.58 16.63
CA ALA A 100 -21.16 -16.49 17.24
C ALA A 100 -21.69 -15.11 16.83
N ALA A 101 -21.10 -14.07 17.42
CA ALA A 101 -21.42 -12.69 17.10
C ALA A 101 -20.14 -12.00 16.74
N KCX A 102 -20.24 -11.11 15.78
CA KCX A 102 -19.05 -10.45 15.22
CB KCX A 102 -19.00 -10.65 13.67
CG KCX A 102 -17.82 -9.98 13.00
CD KCX A 102 -16.48 -10.49 13.56
CE KCX A 102 -15.28 -10.14 12.65
NZ KCX A 102 -15.55 -10.44 11.20
C KCX A 102 -19.07 -8.96 15.55
O KCX A 102 -20.07 -8.27 15.25
CX KCX A 102 -14.67 -10.07 10.28
OQ1 KCX A 102 -13.64 -9.49 10.63
OQ2 KCX A 102 -14.91 -10.29 9.06
N LEU A 103 -17.95 -8.49 16.08
CA LEU A 103 -17.72 -7.10 16.38
C LEU A 103 -16.72 -6.48 15.42
N TYR A 104 -17.24 -5.58 14.59
CA TYR A 104 -16.42 -4.80 13.67
C TYR A 104 -16.05 -3.48 14.34
N PRO A 105 -14.98 -2.83 13.85
CA PRO A 105 -14.50 -1.61 14.49
C PRO A 105 -15.56 -0.57 14.72
N ALA A 106 -15.48 0.06 15.88
CA ALA A 106 -16.43 1.10 16.27
C ALA A 106 -16.17 2.43 15.52
N ASN A 107 -17.23 3.20 15.37
CA ASN A 107 -17.17 4.47 14.66
C ASN A 107 -18.39 5.25 15.10
N ALA A 108 -18.15 6.45 15.63
CA ALA A 108 -19.22 7.23 16.25
C ALA A 108 -20.27 7.70 15.23
N THR A 109 -19.90 7.70 13.96
CA THR A 109 -20.78 8.17 12.91
C THR A 109 -21.58 7.05 12.24
N THR A 110 -21.36 5.82 12.69
CA THR A 110 -22.07 4.66 12.13
C THR A 110 -23.55 4.64 12.54
N ASN A 111 -24.40 4.37 11.58
CA ASN A 111 -25.82 4.20 11.82
C ASN A 111 -26.01 3.06 12.78
N SER A 112 -26.88 3.23 13.78
CA SER A 112 -27.12 2.18 14.78
C SER A 112 -27.63 0.86 14.17
N SER A 113 -28.09 0.90 12.91
CA SER A 113 -28.64 -0.27 12.25
C SER A 113 -27.51 -1.06 11.58
N HIS A 114 -26.36 -0.43 11.44
CA HIS A 114 -25.28 -0.97 10.64
C HIS A 114 -23.98 -1.20 11.40
N GLY A 115 -23.90 -0.75 12.64
CA GLY A 115 -22.69 -0.98 13.40
C GLY A 115 -22.74 -0.43 14.81
N VAL A 116 -21.57 -0.44 15.42
CA VAL A 116 -21.36 -0.06 16.81
C VAL A 116 -20.64 1.32 16.89
N THR A 117 -21.09 2.18 17.77
CA THR A 117 -20.42 3.46 18.01
C THR A 117 -19.27 3.32 19.00
N SER A 118 -19.47 2.48 20.01
CA SER A 118 -18.43 2.16 20.99
C SER A 118 -18.82 0.88 21.70
N VAL A 119 -17.83 0.20 22.28
CA VAL A 119 -18.04 -1.04 23.01
C VAL A 119 -18.91 -0.78 24.21
N ASP A 120 -18.64 0.35 24.87
CA ASP A 120 -19.41 0.78 26.02
C ASP A 120 -20.91 0.82 25.69
N ALA A 121 -21.25 1.20 24.46
CA ALA A 121 -22.65 1.32 24.09
C ALA A 121 -23.34 -0.01 23.86
N ILE A 122 -22.59 -1.11 23.73
CA ILE A 122 -23.22 -2.41 23.53
C ILE A 122 -22.97 -3.38 24.67
N MET A 123 -22.72 -2.85 25.86
CA MET A 123 -22.51 -3.71 27.02
C MET A 123 -23.66 -4.64 27.35
N PRO A 124 -24.90 -4.15 27.23
CA PRO A 124 -25.97 -5.12 27.46
C PRO A 124 -25.78 -6.38 26.61
N VAL A 125 -25.47 -6.19 25.34
CA VAL A 125 -25.27 -7.34 24.46
C VAL A 125 -24.04 -8.18 24.82
N LEU A 126 -22.95 -7.54 25.19
CA LEU A 126 -21.70 -8.25 25.53
C LEU A 126 -21.85 -9.04 26.84
N GLU A 127 -22.52 -8.45 27.82
CA GLU A 127 -22.84 -9.12 29.08
C GLU A 127 -23.78 -10.30 28.84
N ARG A 128 -24.67 -10.22 27.83
CA ARG A 128 -25.58 -11.33 27.57
C ARG A 128 -24.81 -12.49 26.94
N MET A 129 -23.96 -12.21 25.95
CA MET A 129 -23.15 -13.25 25.34
C MET A 129 -22.34 -13.93 26.42
N GLU A 130 -21.75 -13.15 27.33
CA GLU A 130 -20.93 -13.69 28.41
C GLU A 130 -21.73 -14.65 29.29
N LYS A 131 -23.00 -14.30 29.53
CA LYS A 131 -23.91 -15.08 30.37
C LYS A 131 -24.27 -16.41 29.73
N ILE A 132 -24.58 -16.38 28.45
CA ILE A 132 -25.01 -17.59 27.75
C ILE A 132 -23.86 -18.39 27.13
N GLY A 133 -22.64 -17.90 27.28
CA GLY A 133 -21.45 -18.57 26.73
C GLY A 133 -21.33 -18.52 25.22
N MET A 134 -21.75 -17.39 24.64
CA MET A 134 -21.68 -17.20 23.22
C MET A 134 -20.36 -16.51 22.87
N PRO A 135 -19.60 -17.12 21.96
CA PRO A 135 -18.32 -16.50 21.60
C PRO A 135 -18.46 -15.20 20.78
N LEU A 136 -17.57 -14.26 21.10
CA LEU A 136 -17.43 -13.01 20.41
C LEU A 136 -16.23 -13.07 19.50
N LEU A 137 -16.47 -12.77 18.22
CA LEU A 137 -15.40 -12.70 17.21
C LEU A 137 -15.15 -11.23 16.98
N VAL A 138 -13.89 -10.85 17.00
CA VAL A 138 -13.45 -9.47 17.07
C VAL A 138 -12.51 -9.15 15.90
N HIS A 139 -12.96 -8.28 15.00
CA HIS A 139 -12.05 -7.55 14.12
C HIS A 139 -11.38 -6.41 14.93
N GLY A 140 -10.16 -6.68 15.36
CA GLY A 140 -9.49 -5.84 16.34
C GLY A 140 -8.63 -4.74 15.73
N GLU A 141 -9.31 -3.68 15.30
CA GLU A 141 -8.70 -2.44 14.82
C GLU A 141 -9.53 -1.26 15.32
N VAL A 142 -8.84 -0.19 15.72
CA VAL A 142 -9.52 1.07 15.99
C VAL A 142 -9.34 1.92 14.72
N THR A 143 -10.38 2.61 14.28
CA THR A 143 -10.34 3.21 12.94
C THR A 143 -10.28 4.74 12.86
N HIS A 144 -9.86 5.37 13.95
CA HIS A 144 -9.76 6.85 14.00
C HIS A 144 -8.80 7.36 12.94
N ALA A 145 -9.18 8.47 12.32
CA ALA A 145 -8.51 9.00 11.11
C ALA A 145 -7.06 9.28 11.37
N ASP A 146 -6.77 9.64 12.60
CA ASP A 146 -5.45 10.08 12.99
C ASP A 146 -4.51 8.93 13.33
N ILE A 147 -5.00 7.69 13.28
CA ILE A 147 -4.17 6.56 13.63
C ILE A 147 -3.67 5.92 12.36
N ASP A 148 -2.36 5.82 12.27
CA ASP A 148 -1.74 5.17 11.15
C ASP A 148 -2.24 3.73 10.99
N ILE A 149 -2.53 3.37 9.75
CA ILE A 149 -3.20 2.11 9.43
C ILE A 149 -2.44 0.88 9.98
N PHE A 150 -1.10 0.94 9.95
CA PHE A 150 -0.25 -0.14 10.45
C PHE A 150 -0.27 -0.27 11.96
N ASP A 151 -0.75 0.77 12.63
CA ASP A 151 -0.87 0.83 14.09
C ASP A 151 -2.25 0.42 14.62
N ARG A 152 -3.20 0.17 13.73
CA ARG A 152 -4.60 0.07 14.18
C ARG A 152 -4.90 -1.19 14.97
N GLU A 153 -4.15 -2.24 14.69
CA GLU A 153 -4.30 -3.47 15.43
C GLU A 153 -3.72 -3.35 16.83
N ALA A 154 -2.48 -2.88 16.95
CA ALA A 154 -1.85 -2.75 18.24
C ALA A 154 -2.64 -1.82 19.15
N ARG A 155 -3.15 -0.73 18.59
CA ARG A 155 -3.91 0.23 19.38
C ARG A 155 -5.21 -0.34 19.95
N PHE A 156 -5.81 -1.30 19.23
CA PHE A 156 -7.03 -1.96 19.64
C PHE A 156 -6.84 -2.80 20.87
N ILE A 157 -5.74 -3.55 20.88
CA ILE A 157 -5.35 -4.37 22.02
C ILE A 157 -5.35 -3.57 23.30
N GLU A 158 -4.67 -2.44 23.24
CA GLU A 158 -4.43 -1.61 24.39
C GLU A 158 -5.71 -0.87 24.83
N SER A 159 -6.42 -0.35 23.84
CA SER A 159 -7.55 0.54 24.04
C SER A 159 -8.89 -0.13 24.25
N VAL A 160 -9.09 -1.32 23.66
CA VAL A 160 -10.40 -1.99 23.65
C VAL A 160 -10.38 -3.44 24.14
N MET A 161 -9.52 -4.25 23.51
CA MET A 161 -9.47 -5.68 23.82
C MET A 161 -9.20 -5.95 25.30
N GLU A 162 -8.09 -5.46 25.83
CA GLU A 162 -7.75 -5.71 27.23
C GLU A 162 -8.78 -5.18 28.21
N PRO A 163 -9.19 -3.91 28.07
CA PRO A 163 -10.21 -3.39 28.98
C PRO A 163 -11.49 -4.21 28.90
N LEU A 164 -11.84 -4.65 27.70
CA LEU A 164 -13.05 -5.45 27.53
C LEU A 164 -12.97 -6.78 28.26
N ARG A 165 -11.84 -7.46 28.11
CA ARG A 165 -11.68 -8.78 28.66
C ARG A 165 -11.52 -8.70 30.18
N GLN A 166 -11.09 -7.54 30.69
CA GLN A 166 -11.01 -7.28 32.13
C GLN A 166 -12.39 -6.96 32.70
N ARG A 167 -13.27 -6.39 31.88
CA ARG A 167 -14.69 -6.16 32.28
C ARG A 167 -15.50 -7.43 32.31
N LEU A 168 -15.37 -8.22 31.24
CA LEU A 168 -16.15 -9.46 31.03
C LEU A 168 -15.25 -10.73 31.04
N THR A 169 -14.97 -11.20 32.25
CA THR A 169 -13.93 -12.18 32.51
C THR A 169 -14.31 -13.59 32.08
N ALA A 170 -15.59 -13.83 31.81
CA ALA A 170 -16.06 -15.14 31.32
C ALA A 170 -16.38 -15.17 29.82
N LEU A 171 -16.23 -14.04 29.14
CA LEU A 171 -16.49 -13.94 27.69
C LEU A 171 -15.37 -14.64 26.93
N LYS A 172 -15.75 -15.57 26.07
CA LYS A 172 -14.84 -16.21 25.14
C LYS A 172 -14.71 -15.31 23.88
N VAL A 173 -13.46 -15.11 23.46
CA VAL A 173 -13.13 -14.14 22.42
C VAL A 173 -12.18 -14.74 21.42
N VAL A 174 -12.53 -14.59 20.15
CA VAL A 174 -11.63 -14.93 19.09
C VAL A 174 -11.14 -13.64 18.48
N PHE A 175 -9.82 -13.47 18.50
CA PHE A 175 -9.16 -12.33 17.92
C PHE A 175 -8.95 -12.72 16.47
N GLU A 176 -9.86 -12.24 15.62
CA GLU A 176 -9.83 -12.65 14.23
C GLU A 176 -8.61 -12.13 13.51
N HIS A 177 -8.14 -12.94 12.55
CA HIS A 177 -7.08 -12.57 11.57
C HIS A 177 -5.99 -11.63 12.09
N ILE A 178 -5.21 -12.12 13.03
CA ILE A 178 -4.17 -11.33 13.66
C ILE A 178 -3.01 -11.17 12.70
N THR A 179 -2.33 -10.02 12.81
CA THR A 179 -1.38 -9.62 11.80
C THR A 179 -0.07 -9.07 12.39
N THR A 180 0.01 -9.03 13.72
CA THR A 180 1.12 -8.41 14.38
C THR A 180 1.70 -9.33 15.43
N LYS A 181 2.96 -9.07 15.77
CA LYS A 181 3.60 -9.63 16.95
C LYS A 181 2.86 -9.16 18.19
N ASP A 182 2.30 -7.98 18.14
CA ASP A 182 1.58 -7.45 19.29
C ASP A 182 0.43 -8.41 19.65
N ALA A 183 -0.29 -8.84 18.63
CA ALA A 183 -1.44 -9.69 18.86
C ALA A 183 -1.02 -11.15 19.15
N ALA A 184 0.03 -11.61 18.47
CA ALA A 184 0.55 -12.95 18.64
C ALA A 184 0.98 -13.16 20.09
N ASP A 185 1.72 -12.18 20.61
CA ASP A 185 2.14 -12.21 21.99
C ASP A 185 0.94 -12.17 22.93
N TYR A 186 0.01 -11.26 22.65
CA TYR A 186 -1.19 -11.09 23.47
C TYR A 186 -1.96 -12.40 23.57
N VAL A 187 -2.23 -13.00 22.42
CA VAL A 187 -2.98 -14.24 22.36
C VAL A 187 -2.19 -15.35 23.06
N ARG A 188 -0.90 -15.43 22.77
CA ARG A 188 -0.07 -16.46 23.37
C ARG A 188 -0.08 -16.39 24.89
N ASP A 189 -0.05 -15.17 25.44
CA ASP A 189 0.01 -14.99 26.89
C ASP A 189 -1.39 -14.94 27.51
N GLY A 190 -2.43 -15.15 26.70
CA GLY A 190 -3.82 -15.15 27.20
C GLY A 190 -4.26 -16.42 27.92
N ASN A 191 -5.53 -16.42 28.35
CA ASN A 191 -6.15 -17.61 28.91
C ASN A 191 -6.97 -18.48 27.90
N GLU A 192 -7.53 -19.56 28.42
CA GLU A 192 -8.35 -20.53 27.70
C GLU A 192 -9.56 -19.88 27.03
N ARG A 193 -9.93 -18.68 27.48
CA ARG A 193 -11.02 -17.90 26.87
C ARG A 193 -10.61 -16.95 25.74
N LEU A 194 -9.33 -16.94 25.36
CA LEU A 194 -8.87 -16.14 24.22
C LEU A 194 -8.19 -17.03 23.18
N ALA A 195 -8.64 -16.89 21.94
CA ALA A 195 -8.09 -17.60 20.79
C ALA A 195 -7.89 -16.62 19.62
N ALA A 196 -7.36 -17.12 18.52
CA ALA A 196 -7.13 -16.28 17.34
C ALA A 196 -7.24 -17.14 16.10
N THR A 197 -7.58 -16.52 14.97
CA THR A 197 -7.36 -17.09 13.63
C THR A 197 -6.28 -16.34 12.86
N ILE A 198 -5.64 -17.02 11.92
CA ILE A 198 -4.66 -16.43 11.02
C ILE A 198 -4.93 -16.87 9.58
N THR A 199 -4.80 -15.90 8.67
CA THR A 199 -4.99 -16.13 7.22
C THR A 199 -3.74 -16.70 6.61
N PRO A 200 -3.87 -17.32 5.43
CA PRO A 200 -2.68 -17.72 4.68
C PRO A 200 -1.81 -16.55 4.23
N GLN A 201 -2.43 -15.44 3.80
CA GLN A 201 -1.65 -14.30 3.23
C GLN A 201 -0.81 -13.64 4.31
N HIS A 202 -1.36 -13.54 5.51
CA HIS A 202 -0.61 -12.98 6.63
C HIS A 202 0.54 -13.90 7.11
N LEU A 203 0.49 -15.18 6.78
CA LEU A 203 1.61 -16.08 6.98
C LEU A 203 2.61 -16.07 5.84
N MET A 204 2.12 -16.06 4.60
CA MET A 204 2.99 -16.15 3.45
C MET A 204 3.72 -14.87 3.13
N PHE A 205 3.07 -13.74 3.41
CA PHE A 205 3.56 -12.44 2.97
C PHE A 205 3.68 -11.37 4.06
N ASN A 206 4.41 -10.31 3.72
CA ASN A 206 4.46 -9.07 4.49
C ASN A 206 4.25 -7.91 3.52
N ARG A 207 4.26 -6.67 4.03
CA ARG A 207 3.92 -5.49 3.20
C ARG A 207 4.85 -5.23 1.99
N ASN A 208 6.13 -5.65 2.06
CA ASN A 208 6.99 -5.60 0.88
C ASN A 208 6.37 -6.34 -0.31
N HIS A 209 5.76 -7.49 -0.09
CA HIS A 209 5.13 -8.23 -1.22
C HIS A 209 4.00 -7.43 -1.89
N MET A 210 3.34 -6.58 -1.12
CA MET A 210 2.27 -5.74 -1.64
C MET A 210 2.80 -4.47 -2.31
N LEU A 211 4.00 -4.00 -1.93
CA LEU A 211 4.43 -2.65 -2.35
C LEU A 211 5.76 -2.50 -3.06
N VAL A 212 6.61 -3.53 -3.01
CA VAL A 212 7.93 -3.45 -3.66
C VAL A 212 7.80 -3.92 -5.12
N GLY A 213 8.25 -3.09 -6.05
CA GLY A 213 8.20 -3.37 -7.49
C GLY A 213 6.82 -3.30 -8.15
N GLY A 214 5.86 -2.62 -7.52
CA GLY A 214 4.54 -2.43 -8.05
C GLY A 214 3.56 -2.57 -6.92
N VAL A 215 2.42 -1.90 -7.04
CA VAL A 215 1.35 -2.11 -6.08
C VAL A 215 0.42 -3.24 -6.49
N ARG A 216 0.18 -4.13 -5.54
CA ARG A 216 -0.51 -5.40 -5.81
C ARG A 216 -1.83 -5.43 -5.03
N PRO A 217 -2.92 -4.95 -5.65
CA PRO A 217 -4.22 -4.88 -4.97
C PRO A 217 -4.80 -6.24 -4.55
N HIS A 218 -4.38 -7.30 -5.25
CA HIS A 218 -4.80 -8.68 -4.83
C HIS A 218 -4.20 -9.17 -3.49
N LEU A 219 -3.14 -8.51 -3.04
CA LEU A 219 -2.61 -8.66 -1.68
C LEU A 219 -3.15 -7.62 -0.68
N TYR A 220 -3.92 -6.66 -1.16
CA TYR A 220 -4.53 -5.65 -0.34
C TYR A 220 -5.80 -6.19 0.31
N CYS A 221 -5.73 -6.22 1.63
CA CYS A 221 -6.81 -6.69 2.49
C CYS A 221 -6.62 -6.07 3.87
N LEU A 222 -7.63 -6.20 4.71
CA LEU A 222 -7.57 -5.75 6.09
C LEU A 222 -7.60 -6.96 7.02
N PRO A 223 -6.95 -6.88 8.19
CA PRO A 223 -6.04 -5.80 8.54
C PRO A 223 -4.84 -5.84 7.56
N ILE A 224 -4.17 -4.72 7.41
CA ILE A 224 -3.14 -4.57 6.39
C ILE A 224 -1.92 -5.45 6.66
N LEU A 225 -1.34 -6.05 5.63
CA LEU A 225 -0.04 -6.70 5.75
C LEU A 225 0.94 -5.78 6.46
N LYS A 226 1.70 -6.36 7.41
CA LYS A 226 2.59 -5.60 8.29
C LYS A 226 4.04 -5.90 7.89
N ARG A 227 5.01 -5.31 8.61
CA ARG A 227 6.41 -5.52 8.25
C ARG A 227 6.83 -6.95 8.61
N ASN A 228 7.94 -7.42 8.01
CA ASN A 228 8.38 -8.81 8.13
C ASN A 228 8.42 -9.34 9.56
N ILE A 229 8.94 -8.57 10.52
CA ILE A 229 8.98 -9.07 11.90
C ILE A 229 7.61 -9.56 12.38
N HIS A 230 6.55 -8.94 11.93
CA HIS A 230 5.21 -9.38 12.36
C HIS A 230 4.84 -10.72 11.72
N GLN A 231 5.03 -10.80 10.39
CA GLN A 231 4.86 -12.04 9.64
C GLN A 231 5.66 -13.17 10.29
N GLN A 232 6.91 -12.90 10.70
CA GLN A 232 7.70 -13.93 11.36
C GLN A 232 7.08 -14.32 12.73
N ALA A 233 6.55 -13.36 13.47
CA ALA A 233 5.91 -13.67 14.75
C ALA A 233 4.71 -14.60 14.53
N LEU A 234 3.99 -14.42 13.45
CA LEU A 234 2.81 -15.24 13.22
C LEU A 234 3.18 -16.66 12.83
N ARG A 235 4.21 -16.79 12.00
CA ARG A 235 4.71 -18.08 11.56
C ARG A 235 5.20 -18.88 12.77
N GLU A 236 5.98 -18.21 13.62
CA GLU A 236 6.48 -18.77 14.88
C GLU A 236 5.31 -19.25 15.76
N LEU A 237 4.24 -18.47 15.84
CA LEU A 237 3.10 -18.82 16.68
C LEU A 237 2.41 -20.12 16.20
N VAL A 238 2.11 -20.21 14.90
CA VAL A 238 1.44 -21.42 14.38
C VAL A 238 2.39 -22.62 14.47
N ALA A 239 3.68 -22.39 14.23
CA ALA A 239 4.67 -23.46 14.23
C ALA A 239 4.91 -24.00 15.62
N SER A 240 4.56 -23.23 16.65
CA SER A 240 4.79 -23.62 18.05
C SER A 240 3.90 -24.78 18.56
N GLY A 241 2.80 -25.05 17.86
CA GLY A 241 1.82 -25.99 18.33
C GLY A 241 0.81 -25.40 19.29
N PHE A 242 0.98 -24.11 19.61
CA PHE A 242 0.02 -23.34 20.43
C PHE A 242 -1.38 -23.65 19.94
N ASN A 243 -2.25 -24.06 20.84
CA ASN A 243 -3.51 -24.70 20.42
C ASN A 243 -4.78 -23.83 20.45
N ARG A 244 -4.60 -22.53 20.67
CA ARG A 244 -5.69 -21.58 20.61
C ARG A 244 -5.53 -20.66 19.44
N VAL A 245 -4.80 -21.15 18.43
CA VAL A 245 -4.82 -20.57 17.10
C VAL A 245 -5.32 -21.62 16.08
N PHE A 246 -6.15 -21.15 15.16
CA PHE A 246 -6.74 -22.05 14.19
C PHE A 246 -7.05 -21.38 12.87
N LEU A 247 -7.33 -22.21 11.85
CA LEU A 247 -7.59 -21.80 10.49
C LEU A 247 -8.82 -20.89 10.38
N GLY A 248 -8.59 -19.71 9.84
CA GLY A 248 -9.65 -18.80 9.41
C GLY A 248 -9.10 -18.10 8.19
N THR A 249 -9.62 -18.43 7.03
CA THR A 249 -9.06 -17.89 5.78
C THR A 249 -9.25 -16.38 5.63
N ASP A 250 -10.41 -15.88 6.04
CA ASP A 250 -10.87 -14.54 5.71
C ASP A 250 -10.94 -14.35 4.21
N SER A 251 -11.33 -15.42 3.52
CA SER A 251 -11.53 -15.33 2.10
C SER A 251 -12.60 -14.27 1.90
N ALA A 252 -12.32 -13.30 1.03
CA ALA A 252 -13.05 -12.04 0.99
C ALA A 252 -13.05 -11.52 -0.44
N PRO A 253 -13.89 -12.16 -1.29
CA PRO A 253 -13.87 -11.93 -2.73
C PRO A 253 -14.55 -10.65 -3.21
N HIS A 254 -13.92 -10.07 -4.24
CA HIS A 254 -14.37 -8.92 -4.97
C HIS A 254 -14.06 -9.20 -6.44
N ALA A 255 -15.00 -8.84 -7.31
CA ALA A 255 -14.80 -8.87 -8.75
C ALA A 255 -13.53 -8.10 -9.15
N ARG A 256 -12.89 -8.56 -10.21
CA ARG A 256 -11.62 -7.99 -10.66
C ARG A 256 -11.66 -6.46 -10.81
N HIS A 257 -12.75 -5.94 -11.36
CA HIS A 257 -12.84 -4.51 -11.62
C HIS A 257 -12.97 -3.68 -10.31
N ARG A 258 -13.42 -4.31 -9.23
CA ARG A 258 -13.46 -3.64 -7.93
C ARG A 258 -12.12 -3.69 -7.20
N LYS A 259 -11.25 -4.64 -7.60
CA LYS A 259 -9.93 -4.77 -6.99
C LYS A 259 -8.91 -3.92 -7.71
N GLU A 260 -9.01 -3.90 -9.04
CA GLU A 260 -8.03 -3.22 -9.89
C GLU A 260 -8.57 -1.87 -10.37
N SER A 261 -9.03 -1.04 -9.44
CA SER A 261 -9.59 0.27 -9.77
C SER A 261 -8.71 1.38 -9.19
N SER A 262 -9.12 2.62 -9.41
CA SER A 262 -8.53 3.78 -8.75
C SER A 262 -8.72 3.73 -7.21
N CYS A 263 -9.60 2.87 -6.73
CA CYS A 263 -9.77 2.70 -5.29
C CYS A 263 -10.15 1.25 -4.94
N GLY A 264 -9.13 0.40 -4.84
CA GLY A 264 -9.32 -1.03 -4.74
C GLY A 264 -9.90 -1.54 -3.44
N CYS A 265 -10.93 -2.40 -3.54
CA CYS A 265 -11.53 -3.02 -2.36
C CYS A 265 -10.55 -3.95 -1.68
N ALA A 266 -10.58 -3.94 -0.35
CA ALA A 266 -9.80 -4.86 0.49
C ALA A 266 -10.43 -6.23 0.49
N GLY A 267 -9.60 -7.27 0.36
CA GLY A 267 -10.02 -8.66 0.46
C GLY A 267 -9.34 -9.59 -0.55
N CYS A 268 -8.78 -10.68 -0.05
CA CYS A 268 -8.21 -11.77 -0.85
C CYS A 268 -9.19 -12.96 -1.04
N PHE A 269 -9.36 -13.37 -2.30
CA PHE A 269 -10.14 -14.59 -2.57
C PHE A 269 -9.21 -15.81 -2.48
N ASN A 270 -9.05 -16.30 -1.27
CA ASN A 270 -8.12 -17.38 -1.02
C ASN A 270 -8.74 -18.74 -0.72
N ALA A 271 -10.07 -18.87 -0.79
CA ALA A 271 -10.69 -20.17 -0.54
C ALA A 271 -10.12 -21.26 -1.42
N PRO A 272 -9.89 -20.97 -2.71
CA PRO A 272 -9.38 -22.07 -3.56
C PRO A 272 -8.00 -22.62 -3.15
N THR A 273 -7.15 -21.80 -2.53
CA THR A 273 -5.75 -22.11 -2.33
C THR A 273 -5.26 -22.07 -0.88
N ALA A 274 -6.15 -21.74 0.05
CA ALA A 274 -5.73 -21.47 1.43
C ALA A 274 -5.08 -22.71 2.07
N LEU A 275 -5.72 -23.86 1.96
CA LEU A 275 -5.27 -25.07 2.66
C LEU A 275 -3.87 -25.53 2.29
N GLY A 276 -3.61 -25.59 0.99
CA GLY A 276 -2.31 -25.95 0.52
C GLY A 276 -1.27 -24.91 0.86
N SER A 277 -1.67 -23.64 0.86
CA SER A 277 -0.81 -22.54 1.32
C SER A 277 -0.44 -22.65 2.81
N TYR A 278 -1.39 -23.01 3.65
CA TYR A 278 -1.05 -23.28 5.07
C TYR A 278 -0.10 -24.49 5.24
N ALA A 279 -0.37 -25.54 4.48
CA ALA A 279 0.50 -26.72 4.44
C ALA A 279 1.93 -26.33 4.05
N THR A 280 2.07 -25.53 3.00
CA THR A 280 3.40 -25.04 2.60
C THR A 280 4.06 -24.29 3.77
N VAL A 281 3.32 -23.43 4.46
CA VAL A 281 3.86 -22.68 5.61
C VAL A 281 4.32 -23.59 6.77
N PHE A 282 3.49 -24.54 7.17
CA PHE A 282 3.88 -25.50 8.23
C PHE A 282 5.13 -26.35 7.88
N GLU A 283 5.22 -26.75 6.60
CA GLU A 283 6.38 -27.45 6.11
C GLU A 283 7.65 -26.60 6.24
N GLU A 284 7.58 -25.38 5.74
CA GLU A 284 8.69 -24.43 5.79
C GLU A 284 9.18 -24.15 7.21
N MET A 285 8.26 -24.21 8.16
CA MET A 285 8.58 -23.99 9.55
C MET A 285 8.98 -25.28 10.26
N ASN A 286 9.10 -26.39 9.51
CA ASN A 286 9.37 -27.71 10.06
C ASN A 286 8.41 -28.06 11.18
N ALA A 287 7.11 -27.91 10.90
CA ALA A 287 6.07 -28.06 11.91
C ALA A 287 4.79 -28.75 11.40
N LEU A 288 4.93 -29.65 10.43
CA LEU A 288 3.77 -30.37 9.89
C LEU A 288 3.02 -31.16 10.96
N GLN A 289 3.71 -31.54 12.02
CA GLN A 289 3.07 -32.23 13.13
C GLN A 289 1.95 -31.40 13.78
N HIS A 290 1.97 -30.09 13.61
CA HIS A 290 0.90 -29.23 14.15
C HIS A 290 -0.10 -28.73 13.12
N PHE A 291 0.01 -29.21 11.89
CA PHE A 291 -0.84 -28.77 10.78
C PHE A 291 -2.29 -29.19 11.02
N GLU A 292 -2.52 -30.46 11.30
CA GLU A 292 -3.88 -30.97 11.50
C GLU A 292 -4.63 -30.22 12.60
N ALA A 293 -3.96 -30.05 13.75
CA ALA A 293 -4.57 -29.38 14.89
C ALA A 293 -5.04 -27.98 14.52
N PHE A 294 -4.20 -27.23 13.82
CA PHE A 294 -4.54 -25.89 13.34
C PHE A 294 -5.81 -25.94 12.46
N CYS A 295 -5.79 -26.86 11.48
CA CYS A 295 -6.88 -26.96 10.47
C CYS A 295 -8.18 -27.56 10.96
N SER A 296 -8.07 -28.50 11.89
CA SER A 296 -9.15 -29.48 12.13
C SER A 296 -9.52 -29.77 13.60
N VAL A 297 -8.75 -29.24 14.55
CA VAL A 297 -8.93 -29.62 15.98
C VAL A 297 -9.09 -28.43 16.91
N ASN A 298 -8.17 -27.45 16.83
CA ASN A 298 -8.13 -26.29 17.73
C ASN A 298 -9.42 -25.45 17.75
N GLY A 299 -9.94 -25.17 16.58
CA GLY A 299 -11.16 -24.40 16.44
C GLY A 299 -12.34 -25.10 17.07
N PRO A 300 -12.58 -26.37 16.71
CA PRO A 300 -13.66 -27.10 17.37
C PRO A 300 -13.57 -27.17 18.91
N GLN A 301 -12.36 -27.40 19.43
CA GLN A 301 -12.12 -27.38 20.89
C GLN A 301 -12.57 -26.02 21.49
N PHE A 302 -12.09 -24.90 20.94
CA PHE A 302 -12.44 -23.57 21.45
C PHE A 302 -13.95 -23.32 21.38
N TYR A 303 -14.55 -23.71 20.27
CA TYR A 303 -15.97 -23.49 20.07
C TYR A 303 -16.87 -24.56 20.72
N GLY A 304 -16.28 -25.60 21.30
CA GLY A 304 -17.04 -26.65 21.95
C GLY A 304 -17.84 -27.49 20.97
N LEU A 305 -17.32 -27.68 19.76
CA LEU A 305 -17.97 -28.49 18.74
C LEU A 305 -17.14 -29.75 18.42
N PRO A 306 -17.79 -30.82 17.92
CA PRO A 306 -17.04 -32.04 17.57
C PRO A 306 -16.00 -31.85 16.47
N VAL A 307 -14.91 -32.59 16.59
CA VAL A 307 -13.90 -32.64 15.57
C VAL A 307 -14.49 -33.46 14.44
N ASN A 308 -14.25 -33.09 13.19
CA ASN A 308 -14.69 -33.91 12.06
C ASN A 308 -14.14 -35.35 12.07
N ASP A 309 -14.95 -36.29 11.61
CA ASP A 309 -14.59 -37.73 11.63
C ASP A 309 -14.24 -38.30 10.25
N THR A 310 -14.37 -37.50 9.19
CA THR A 310 -13.87 -37.87 7.89
C THR A 310 -12.53 -37.18 7.65
N PHE A 311 -11.83 -37.68 6.63
CA PHE A 311 -10.46 -37.33 6.37
C PHE A 311 -10.34 -36.79 4.95
N ILE A 312 -9.38 -35.90 4.76
CA ILE A 312 -8.95 -35.55 3.41
C ILE A 312 -7.41 -35.64 3.27
N GLU A 313 -6.95 -35.63 2.02
CA GLU A 313 -5.53 -35.78 1.73
C GLU A 313 -5.02 -34.71 0.81
N LEU A 314 -3.87 -34.13 1.18
CA LEU A 314 -3.12 -33.26 0.31
C LEU A 314 -1.94 -34.03 -0.24
N VAL A 315 -1.59 -33.76 -1.49
CA VAL A 315 -0.45 -34.38 -2.12
C VAL A 315 0.55 -33.28 -2.47
N ARG A 316 1.84 -33.58 -2.36
CA ARG A 316 2.88 -32.65 -2.76
C ARG A 316 3.14 -32.82 -4.25
N GLU A 317 2.11 -32.56 -5.04
CA GLU A 317 2.24 -32.44 -6.47
C GLU A 317 1.95 -31.03 -6.92
N GLU A 318 2.86 -30.52 -7.74
CA GLU A 318 2.85 -29.15 -8.22
C GLU A 318 1.67 -28.98 -9.14
N GLN A 319 0.89 -27.94 -8.87
CA GLN A 319 -0.26 -27.57 -9.69
C GLN A 319 -0.33 -26.04 -9.92
N GLN A 320 -0.99 -25.65 -11.01
CA GLN A 320 -1.12 -24.24 -11.38
C GLN A 320 -2.46 -23.72 -10.92
N VAL A 321 -2.45 -22.54 -10.30
CA VAL A 321 -3.65 -21.88 -9.87
C VAL A 321 -4.23 -21.14 -11.09
N ALA A 322 -5.55 -21.26 -11.31
CA ALA A 322 -6.28 -20.53 -12.36
C ALA A 322 -5.97 -19.05 -12.33
N GLU A 323 -5.89 -18.41 -13.50
CA GLU A 323 -5.64 -16.96 -13.56
C GLU A 323 -6.86 -16.16 -13.06
N SER A 324 -8.04 -16.66 -13.39
CA SER A 324 -9.28 -16.08 -12.96
C SER A 324 -10.42 -17.10 -12.98
N ILE A 325 -11.52 -16.69 -12.37
CA ILE A 325 -12.69 -17.54 -12.21
C ILE A 325 -13.94 -16.79 -12.67
N ALA A 326 -14.74 -17.39 -13.52
CA ALA A 326 -15.85 -16.70 -14.14
C ALA A 326 -16.93 -16.34 -13.13
N LEU A 327 -17.29 -15.06 -13.10
CA LEU A 327 -18.55 -14.61 -12.49
C LEU A 327 -19.58 -14.41 -13.58
N THR A 328 -20.82 -14.21 -13.18
CA THR A 328 -21.87 -13.87 -14.13
C THR A 328 -21.51 -12.62 -14.96
N ASP A 329 -20.87 -11.63 -14.34
CA ASP A 329 -20.65 -10.31 -14.98
C ASP A 329 -19.20 -9.77 -14.99
N ASP A 330 -18.30 -10.42 -14.28
CA ASP A 330 -16.89 -10.04 -14.32
C ASP A 330 -16.16 -11.36 -14.09
N THR A 331 -14.94 -11.26 -13.57
CA THR A 331 -14.21 -12.40 -13.13
C THR A 331 -13.70 -12.11 -11.74
N LEU A 332 -13.29 -13.21 -11.10
CA LEU A 332 -12.67 -13.26 -9.81
C LEU A 332 -11.23 -13.73 -9.98
N VAL A 333 -10.29 -12.95 -9.46
CA VAL A 333 -8.87 -13.33 -9.50
C VAL A 333 -8.55 -14.00 -8.15
N PRO A 334 -8.23 -15.31 -8.18
CA PRO A 334 -7.88 -15.95 -6.95
C PRO A 334 -6.52 -15.53 -6.39
N PHE A 335 -6.39 -15.79 -5.10
CA PHE A 335 -5.13 -15.70 -4.35
C PHE A 335 -4.18 -16.69 -4.98
N LEU A 336 -3.02 -16.17 -5.42
CA LEU A 336 -1.95 -16.92 -6.09
C LEU A 336 -2.25 -17.24 -7.56
N ALA A 337 -3.17 -16.47 -8.14
CA ALA A 337 -3.57 -16.69 -9.53
C ALA A 337 -2.35 -16.89 -10.42
N GLY A 338 -2.39 -17.92 -11.25
CA GLY A 338 -1.35 -18.15 -12.23
C GLY A 338 -0.05 -18.69 -11.66
N GLU A 339 0.01 -18.92 -10.34
CA GLU A 339 1.22 -19.46 -9.71
C GLU A 339 1.18 -20.99 -9.52
N THR A 340 2.37 -21.58 -9.45
CA THR A 340 2.55 -23.01 -9.22
C THR A 340 2.55 -23.21 -7.71
N VAL A 341 1.59 -23.98 -7.21
CA VAL A 341 1.49 -24.27 -5.77
C VAL A 341 1.91 -25.72 -5.44
N ARG A 342 2.40 -25.89 -4.22
CA ARG A 342 3.17 -27.09 -3.79
C ARG A 342 2.25 -28.22 -3.37
N TRP A 343 1.25 -27.88 -2.55
CA TRP A 343 0.33 -28.86 -2.03
C TRP A 343 -1.03 -28.63 -2.66
N SER A 344 -1.64 -29.71 -3.09
CA SER A 344 -2.97 -29.69 -3.69
C SER A 344 -3.83 -30.79 -3.05
N VAL A 345 -5.12 -30.57 -2.91
CA VAL A 345 -6.04 -31.63 -2.46
C VAL A 345 -6.11 -32.71 -3.51
N LYS A 346 -6.23 -33.97 -3.07
CA LYS A 346 -6.13 -35.14 -3.95
C LYS A 346 -7.36 -35.31 -4.84
N SER B 4 -10.51 35.11 -4.84
CA SER B 4 -10.13 36.56 -4.95
C SER B 4 -8.61 36.77 -4.76
N GLN B 5 -8.00 36.04 -3.82
CA GLN B 5 -6.55 36.18 -3.56
C GLN B 5 -5.68 35.80 -4.77
N VAL B 6 -4.87 36.75 -5.23
CA VAL B 6 -3.95 36.56 -6.34
C VAL B 6 -2.56 36.53 -5.75
N LEU B 7 -1.71 35.66 -6.28
CA LEU B 7 -0.38 35.50 -5.75
C LEU B 7 0.58 35.49 -6.93
N LYS B 8 1.37 36.57 -7.06
CA LYS B 8 2.32 36.71 -8.15
C LYS B 8 3.70 36.24 -7.69
N ILE B 9 4.30 35.38 -8.49
CA ILE B 9 5.65 34.87 -8.22
C ILE B 9 6.49 34.91 -9.49
N ARG B 10 7.79 34.91 -9.28
CA ARG B 10 8.74 34.67 -10.33
C ARG B 10 8.40 33.33 -10.98
N ARG B 11 8.52 33.26 -12.29
CA ARG B 11 8.27 31.98 -12.97
C ARG B 11 9.11 30.87 -12.37
N PRO B 12 8.45 29.73 -12.04
CA PRO B 12 9.15 28.67 -11.37
C PRO B 12 9.86 27.73 -12.38
N ASP B 13 10.61 26.81 -11.79
CA ASP B 13 11.23 25.71 -12.50
C ASP B 13 10.89 24.42 -11.76
N ASP B 14 11.04 23.31 -12.47
CA ASP B 14 10.83 21.97 -11.92
C ASP B 14 12.15 21.20 -11.92
N TRP B 15 12.72 21.01 -10.73
CA TRP B 15 14.08 20.43 -10.60
C TRP B 15 14.12 18.91 -10.51
N HIS B 16 13.01 18.27 -10.87
CA HIS B 16 12.90 16.82 -10.92
C HIS B 16 11.62 16.40 -11.69
N LEU B 17 11.79 16.05 -12.95
CA LEU B 17 10.69 15.73 -13.85
C LEU B 17 10.89 14.49 -14.74
N HIS B 18 9.82 13.70 -14.89
CA HIS B 18 9.83 12.58 -15.86
C HIS B 18 8.94 12.93 -17.04
N LEU B 19 9.54 13.06 -18.21
CA LEU B 19 8.78 13.40 -19.42
C LEU B 19 8.47 12.23 -20.36
N ARG B 20 9.06 11.06 -20.10
CA ARG B 20 8.82 9.87 -20.94
C ARG B 20 9.26 10.15 -22.37
N ASP B 21 8.66 9.45 -23.32
CA ASP B 21 9.09 9.57 -24.70
C ASP B 21 7.89 9.33 -25.63
N GLY B 22 8.04 9.57 -26.93
CA GLY B 22 6.98 9.27 -27.90
C GLY B 22 5.65 9.99 -27.69
N ASP B 23 4.54 9.25 -27.73
CA ASP B 23 3.21 9.87 -27.64
C ASP B 23 2.90 10.39 -26.24
N MET B 24 3.46 9.75 -25.23
CA MET B 24 3.29 10.17 -23.85
C MET B 24 3.99 11.50 -23.66
N LEU B 25 5.23 11.59 -24.14
CA LEU B 25 6.00 12.82 -24.12
C LEU B 25 5.25 13.99 -24.75
N LYS B 26 4.73 13.82 -25.96
CA LYS B 26 3.89 14.84 -26.61
C LYS B 26 2.73 15.31 -25.73
N THR B 27 2.07 14.36 -25.09
CA THR B 27 0.90 14.61 -24.26
C THR B 27 1.29 15.40 -22.99
N VAL B 28 2.38 15.00 -22.32
CA VAL B 28 2.71 15.55 -21.01
C VAL B 28 3.58 16.82 -20.97
N VAL B 29 4.42 17.09 -21.98
CA VAL B 29 5.31 18.28 -21.86
C VAL B 29 4.58 19.61 -21.71
N PRO B 30 3.45 19.80 -22.45
CA PRO B 30 2.78 21.10 -22.38
C PRO B 30 2.30 21.45 -20.98
N TYR B 31 1.90 20.45 -20.21
CA TYR B 31 1.53 20.66 -18.83
C TYR B 31 2.69 21.26 -18.03
N THR B 32 3.92 20.97 -18.47
CA THR B 32 5.12 21.57 -17.89
C THR B 32 5.56 22.86 -18.57
N SER B 33 5.67 22.87 -19.90
CA SER B 33 6.28 23.98 -20.60
C SER B 33 5.46 25.29 -20.51
N GLU B 34 4.17 25.16 -20.23
CA GLU B 34 3.28 26.32 -20.19
C GLU B 34 3.46 27.14 -18.90
N ILE B 35 4.09 26.53 -17.90
CA ILE B 35 4.31 27.13 -16.59
C ILE B 35 5.78 27.34 -16.22
N TYR B 36 6.60 26.31 -16.43
CA TYR B 36 7.95 26.27 -15.86
C TYR B 36 8.95 26.75 -16.90
N GLY B 37 9.97 27.48 -16.44
CA GLY B 37 10.92 28.08 -17.36
C GLY B 37 11.91 27.02 -17.77
N ARG B 38 12.32 26.24 -16.77
CA ARG B 38 13.19 25.10 -16.97
C ARG B 38 12.68 23.89 -16.20
N ALA B 39 13.13 22.72 -16.67
CA ALA B 39 12.96 21.46 -15.95
C ALA B 39 14.21 20.58 -16.06
N ILE B 40 14.58 20.00 -14.92
CA ILE B 40 15.52 18.88 -14.87
C ILE B 40 14.78 17.64 -15.33
N VAL B 41 15.22 17.13 -16.48
CA VAL B 41 14.54 16.03 -17.17
C VAL B 41 15.35 14.77 -16.89
N MET B 42 14.75 13.86 -16.12
CA MET B 42 15.45 12.67 -15.68
C MET B 42 15.68 11.67 -16.80
N PRO B 43 16.72 10.81 -16.69
CA PRO B 43 17.19 9.99 -17.80
C PRO B 43 16.71 8.51 -17.79
N ASN B 44 15.70 8.18 -16.99
CA ASN B 44 15.22 6.78 -16.90
C ASN B 44 14.25 6.36 -18.00
N LEU B 45 14.69 6.56 -19.24
CA LEU B 45 14.01 6.02 -20.40
C LEU B 45 14.38 4.55 -20.51
N ALA B 46 13.73 3.88 -21.45
CA ALA B 46 14.07 2.51 -21.78
C ALA B 46 14.35 2.43 -23.28
N PRO B 47 15.63 2.39 -23.67
CA PRO B 47 16.82 2.33 -22.82
C PRO B 47 17.16 3.68 -22.20
N PRO B 48 17.89 3.66 -21.07
CA PRO B 48 18.22 4.90 -20.34
C PRO B 48 19.21 5.81 -21.12
N VAL B 49 19.13 7.11 -20.85
CA VAL B 49 19.98 8.12 -21.50
C VAL B 49 21.33 8.16 -20.79
N THR B 50 22.32 7.51 -21.38
CA THR B 50 23.63 7.36 -20.76
C THR B 50 24.74 7.90 -21.64
N THR B 51 24.39 8.55 -22.74
CA THR B 51 25.37 9.11 -23.66
C THR B 51 24.99 10.52 -24.07
N VAL B 52 25.97 11.31 -24.49
CA VAL B 52 25.70 12.66 -24.98
C VAL B 52 24.71 12.59 -26.15
N GLU B 53 25.08 11.85 -27.18
CA GLU B 53 24.26 11.63 -28.37
C GLU B 53 22.78 11.38 -28.01
N ALA B 54 22.54 10.38 -27.18
CA ALA B 54 21.17 10.06 -26.70
C ALA B 54 20.46 11.26 -26.13
N ALA B 55 21.19 12.02 -25.31
CA ALA B 55 20.64 13.16 -24.56
C ALA B 55 20.32 14.31 -25.53
N VAL B 56 21.25 14.58 -26.43
CA VAL B 56 21.03 15.56 -27.49
C VAL B 56 19.77 15.23 -28.29
N ALA B 57 19.62 13.99 -28.75
CA ALA B 57 18.44 13.64 -29.53
C ALA B 57 17.17 13.69 -28.71
N TYR B 58 17.28 13.32 -27.43
CA TYR B 58 16.11 13.34 -26.56
C TYR B 58 15.67 14.76 -26.28
N ARG B 59 16.63 15.67 -26.16
CA ARG B 59 16.33 17.05 -25.90
C ARG B 59 15.60 17.64 -27.13
N GLN B 60 16.01 17.24 -28.33
CA GLN B 60 15.29 17.69 -29.51
C GLN B 60 13.88 17.11 -29.59
N ARG B 61 13.69 15.86 -29.20
CA ARG B 61 12.35 15.29 -29.17
C ARG B 61 11.44 16.09 -28.21
N ILE B 62 12.00 16.45 -27.06
CA ILE B 62 11.34 17.34 -26.08
C ILE B 62 10.97 18.71 -26.69
N LEU B 63 11.89 19.34 -27.43
CA LEU B 63 11.65 20.67 -28.00
C LEU B 63 10.62 20.61 -29.14
N ASP B 64 10.62 19.52 -29.92
CA ASP B 64 9.62 19.32 -30.97
C ASP B 64 8.17 19.31 -30.43
N ALA B 65 8.02 18.91 -29.17
CA ALA B 65 6.72 18.75 -28.50
C ALA B 65 6.27 19.97 -27.70
N VAL B 66 7.15 20.97 -27.52
CA VAL B 66 6.82 22.21 -26.79
C VAL B 66 5.98 23.16 -27.66
N PRO B 67 4.73 23.45 -27.22
CA PRO B 67 3.93 24.38 -28.03
C PRO B 67 4.64 25.71 -28.31
N ALA B 68 4.43 26.24 -29.51
CA ALA B 68 4.94 27.56 -29.86
C ALA B 68 4.49 28.57 -28.81
N GLY B 69 5.39 29.46 -28.41
CA GLY B 69 5.03 30.50 -27.45
C GLY B 69 5.24 30.13 -25.99
N HIS B 70 5.57 28.86 -25.73
CA HIS B 70 6.08 28.45 -24.42
C HIS B 70 7.59 28.65 -24.46
N ASP B 71 8.13 29.39 -23.49
CA ASP B 71 9.58 29.59 -23.36
C ASP B 71 10.10 28.61 -22.33
N PHE B 72 10.36 27.38 -22.77
CA PHE B 72 10.76 26.29 -21.87
C PHE B 72 12.11 25.69 -22.30
N THR B 73 13.00 25.51 -21.34
CA THR B 73 14.27 24.83 -21.58
C THR B 73 14.39 23.56 -20.72
N PRO B 74 14.51 22.40 -21.39
CA PRO B 74 14.75 21.15 -20.70
C PRO B 74 16.23 21.04 -20.39
N LEU B 75 16.54 20.74 -19.14
CA LEU B 75 17.90 20.58 -18.66
C LEU B 75 18.15 19.08 -18.53
N MET B 76 19.06 18.56 -19.35
CA MET B 76 19.23 17.12 -19.51
C MET B 76 20.15 16.51 -18.43
N THR B 77 19.91 15.23 -18.13
CA THR B 77 20.73 14.50 -17.17
C THR B 77 21.29 13.23 -17.81
N CYS B 78 22.44 12.79 -17.30
CA CYS B 78 23.01 11.48 -17.61
C CYS B 78 22.56 10.41 -16.60
N TYR B 79 22.05 9.29 -17.11
CA TYR B 79 21.79 8.10 -16.28
C TYR B 79 23.13 7.39 -15.98
N LEU B 80 23.55 7.45 -14.72
CA LEU B 80 24.77 6.82 -14.28
C LEU B 80 24.60 5.30 -14.29
N THR B 81 25.70 4.64 -14.67
CA THR B 81 25.79 3.19 -14.73
C THR B 81 27.17 2.82 -14.22
N ASP B 82 27.30 1.57 -13.80
CA ASP B 82 28.59 1.05 -13.32
C ASP B 82 29.76 1.27 -14.30
N SER B 83 29.49 1.11 -15.59
CA SER B 83 30.54 1.12 -16.61
C SER B 83 30.67 2.45 -17.33
N LEU B 84 29.96 3.47 -16.88
CA LEU B 84 29.95 4.77 -17.56
C LEU B 84 31.36 5.34 -17.67
N ASP B 85 31.74 5.72 -18.89
CA ASP B 85 33.01 6.42 -19.13
C ASP B 85 32.92 7.83 -18.53
N PRO B 86 33.80 8.17 -17.56
CA PRO B 86 33.83 9.55 -17.06
C PRO B 86 34.12 10.61 -18.12
N ASN B 87 34.78 10.24 -19.20
CA ASN B 87 35.03 11.15 -20.33
C ASN B 87 33.75 11.48 -21.10
N GLU B 88 32.79 10.55 -21.15
CA GLU B 88 31.47 10.81 -21.76
C GLU B 88 30.66 11.78 -20.90
N LEU B 89 30.70 11.58 -19.58
CA LEU B 89 30.01 12.46 -18.63
C LEU B 89 30.60 13.88 -18.74
N GLU B 90 31.93 14.03 -18.69
CA GLU B 90 32.56 15.35 -18.75
C GLU B 90 32.31 16.05 -20.09
N ARG B 91 32.46 15.34 -21.20
CA ARG B 91 32.17 15.89 -22.53
C ARG B 91 30.74 16.44 -22.58
N GLY B 92 29.79 15.68 -22.08
CA GLY B 92 28.41 16.11 -22.05
C GLY B 92 28.23 17.38 -21.24
N PHE B 93 28.94 17.50 -20.13
CA PHE B 93 28.88 18.70 -19.30
C PHE B 93 29.49 19.91 -20.02
N ASN B 94 30.63 19.69 -20.65
CA ASN B 94 31.36 20.77 -21.33
C ASN B 94 30.67 21.30 -22.59
N GLU B 95 29.90 20.44 -23.27
CA GLU B 95 29.13 20.83 -24.46
C GLU B 95 27.76 21.44 -24.10
N GLY B 96 27.49 21.58 -22.81
CA GLY B 96 26.21 22.11 -22.38
C GLY B 96 25.03 21.17 -22.53
N VAL B 97 25.29 19.87 -22.67
CA VAL B 97 24.23 18.87 -22.83
C VAL B 97 23.70 18.36 -21.49
N PHE B 98 24.62 17.91 -20.64
CA PHE B 98 24.31 17.44 -19.30
C PHE B 98 24.46 18.54 -18.27
N THR B 99 23.36 18.85 -17.59
CA THR B 99 23.32 19.75 -16.45
C THR B 99 23.77 19.04 -15.17
N ALA B 100 23.37 17.77 -15.03
CA ALA B 100 23.71 16.95 -13.89
C ALA B 100 23.69 15.46 -14.30
N ALA B 101 24.10 14.60 -13.36
CA ALA B 101 24.01 13.16 -13.55
C ALA B 101 23.18 12.59 -12.41
N KCX B 102 22.46 11.50 -12.69
CA KCX B 102 21.47 10.96 -11.78
CB KCX B 102 20.09 10.92 -12.44
CG KCX B 102 18.99 10.29 -11.59
CD KCX B 102 18.72 11.06 -10.29
CE KCX B 102 17.44 10.55 -9.56
NZ KCX B 102 16.25 10.60 -10.43
C KCX B 102 21.86 9.57 -11.32
O KCX B 102 22.13 8.68 -12.13
CX KCX B 102 15.08 10.15 -10.00
OQ1 KCX B 102 15.04 9.66 -8.89
OQ2 KCX B 102 14.09 10.15 -10.73
N LEU B 103 21.88 9.38 -10.00
CA LEU B 103 22.21 8.08 -9.41
C LEU B 103 20.92 7.35 -9.03
N TYR B 104 20.66 6.26 -9.75
CA TYR B 104 19.61 5.31 -9.41
C TYR B 104 20.26 4.02 -8.91
N PRO B 105 20.11 3.72 -7.62
CA PRO B 105 20.46 2.40 -7.13
C PRO B 105 19.64 1.40 -7.92
N ALA B 106 20.32 0.34 -8.39
CA ALA B 106 19.72 -0.67 -9.25
C ALA B 106 18.45 -1.24 -8.62
N ASN B 107 17.33 -1.08 -9.32
CA ASN B 107 16.00 -1.62 -8.96
C ASN B 107 15.25 -0.86 -7.85
N ALA B 108 15.68 0.38 -7.62
CA ALA B 108 15.00 1.27 -6.67
C ALA B 108 13.67 1.80 -7.21
N THR B 109 13.61 2.05 -8.52
CA THR B 109 12.43 2.62 -9.15
C THR B 109 12.25 2.21 -10.64
N THR B 110 11.26 2.83 -11.28
CA THR B 110 11.00 2.62 -12.70
C THR B 110 12.27 2.79 -13.55
N ASN B 111 12.50 1.82 -14.43
CA ASN B 111 13.60 1.83 -15.40
C ASN B 111 14.99 1.98 -14.75
N SER B 112 15.17 1.30 -13.62
CA SER B 112 16.39 1.40 -12.81
C SER B 112 17.17 0.08 -12.70
N SER B 113 16.82 -0.92 -13.50
CA SER B 113 17.56 -2.19 -13.49
C SER B 113 18.98 -2.00 -14.02
N HIS B 114 19.20 -0.97 -14.84
CA HIS B 114 20.53 -0.65 -15.38
C HIS B 114 21.28 0.34 -14.49
N GLY B 115 20.70 0.62 -13.32
CA GLY B 115 21.22 1.60 -12.38
C GLY B 115 22.53 1.18 -11.73
N VAL B 116 22.97 1.99 -10.78
CA VAL B 116 24.26 1.77 -10.14
C VAL B 116 24.15 0.75 -9.03
N THR B 117 25.09 -0.19 -9.02
CA THR B 117 25.06 -1.31 -8.06
C THR B 117 25.89 -0.99 -6.82
N SER B 118 26.85 -0.08 -6.96
CA SER B 118 27.51 0.50 -5.79
C SER B 118 28.22 1.82 -6.09
N VAL B 119 28.45 2.59 -5.03
CA VAL B 119 29.31 3.78 -5.10
C VAL B 119 30.75 3.46 -5.54
N ASP B 120 31.31 2.33 -5.07
CA ASP B 120 32.71 2.01 -5.40
C ASP B 120 32.91 1.71 -6.89
N ALA B 121 31.85 1.20 -7.51
CA ALA B 121 31.88 0.86 -8.93
C ALA B 121 31.98 2.09 -9.82
N ILE B 122 31.52 3.25 -9.32
CA ILE B 122 31.52 4.51 -10.07
C ILE B 122 32.34 5.63 -9.42
N MET B 123 33.35 5.32 -8.64
CA MET B 123 34.17 6.37 -8.04
C MET B 123 34.88 7.28 -9.04
N PRO B 124 35.50 6.73 -10.11
CA PRO B 124 36.19 7.63 -11.05
C PRO B 124 35.23 8.67 -11.67
N VAL B 125 33.98 8.28 -11.85
CA VAL B 125 32.96 9.13 -12.41
C VAL B 125 32.57 10.20 -11.39
N LEU B 126 32.35 9.78 -10.16
CA LEU B 126 31.98 10.70 -9.09
C LEU B 126 33.08 11.71 -8.78
N GLU B 127 34.33 11.26 -8.85
CA GLU B 127 35.48 12.12 -8.60
C GLU B 127 35.65 13.16 -9.69
N ARG B 128 35.25 12.81 -10.91
CA ARG B 128 35.27 13.74 -12.03
C ARG B 128 34.18 14.77 -11.88
N MET B 129 32.98 14.33 -11.54
CA MET B 129 31.89 15.26 -11.28
C MET B 129 32.31 16.28 -10.23
N GLU B 130 32.98 15.80 -9.19
CA GLU B 130 33.44 16.64 -8.09
C GLU B 130 34.44 17.65 -8.62
N LYS B 131 35.37 17.16 -9.41
CA LYS B 131 36.36 18.00 -10.09
C LYS B 131 35.77 19.13 -10.94
N ILE B 132 34.82 18.80 -11.81
CA ILE B 132 34.32 19.77 -12.79
C ILE B 132 33.12 20.53 -12.25
N GLY B 133 32.70 20.25 -11.02
CA GLY B 133 31.55 20.92 -10.42
C GLY B 133 30.18 20.56 -11.00
N MET B 134 30.04 19.30 -11.43
CA MET B 134 28.74 18.81 -11.91
C MET B 134 27.99 18.23 -10.72
N PRO B 135 26.75 18.69 -10.45
CA PRO B 135 26.01 18.18 -9.29
C PRO B 135 25.53 16.75 -9.49
N LEU B 136 25.41 16.04 -8.36
CA LEU B 136 24.92 14.67 -8.33
C LEU B 136 23.49 14.65 -7.80
N LEU B 137 22.57 14.08 -8.58
CA LEU B 137 21.19 13.91 -8.17
C LEU B 137 21.02 12.44 -7.70
N VAL B 138 20.53 12.27 -6.48
CA VAL B 138 20.47 10.96 -5.89
C VAL B 138 19.02 10.52 -5.64
N HIS B 139 18.64 9.37 -6.21
CA HIS B 139 17.52 8.61 -5.69
C HIS B 139 18.05 7.79 -4.48
N GLY B 140 17.88 8.35 -3.29
CA GLY B 140 18.44 7.78 -2.07
C GLY B 140 17.60 6.73 -1.38
N GLU B 141 17.54 5.54 -1.98
CA GLU B 141 17.01 4.35 -1.32
C GLU B 141 17.96 3.18 -1.53
N VAL B 142 18.18 2.39 -0.47
CA VAL B 142 18.76 1.04 -0.61
C VAL B 142 17.67 0.11 -1.15
N THR B 143 18.06 -1.03 -1.69
CA THR B 143 17.13 -1.91 -2.40
C THR B 143 17.25 -3.35 -1.98
N HIS B 144 17.98 -3.66 -0.93
CA HIS B 144 18.13 -5.06 -0.58
C HIS B 144 16.75 -5.62 -0.25
N ALA B 145 16.48 -6.83 -0.74
CA ALA B 145 15.17 -7.50 -0.63
C ALA B 145 14.67 -7.66 0.80
N ASP B 146 15.58 -7.70 1.75
CA ASP B 146 15.25 -7.89 3.14
C ASP B 146 14.90 -6.61 3.89
N ILE B 147 15.10 -5.46 3.26
CA ILE B 147 14.86 -4.20 3.96
C ILE B 147 13.43 -3.80 3.68
N ASP B 148 12.65 -3.61 4.74
CA ASP B 148 11.29 -3.07 4.62
C ASP B 148 11.27 -1.81 3.77
N ILE B 149 10.33 -1.77 2.83
CA ILE B 149 10.21 -0.68 1.89
C ILE B 149 10.22 0.73 2.56
N PHE B 150 9.62 0.85 3.74
CA PHE B 150 9.50 2.14 4.42
C PHE B 150 10.79 2.59 5.10
N ASP B 151 11.73 1.66 5.26
CA ASP B 151 13.05 1.94 5.83
C ASP B 151 14.13 2.25 4.79
N ARG B 152 13.83 2.12 3.50
CA ARG B 152 14.89 2.17 2.47
C ARG B 152 15.56 3.55 2.30
N GLU B 153 14.79 4.62 2.53
CA GLU B 153 15.36 5.96 2.55
C GLU B 153 16.32 6.20 3.72
N ALA B 154 15.85 5.96 4.95
CA ALA B 154 16.67 6.17 6.17
C ALA B 154 17.94 5.37 6.11
N ARG B 155 17.83 4.16 5.57
CA ARG B 155 18.98 3.24 5.51
C ARG B 155 20.02 3.76 4.55
N PHE B 156 19.55 4.39 3.47
CA PHE B 156 20.45 4.92 2.49
C PHE B 156 21.35 6.02 3.05
N ILE B 157 20.81 6.80 3.99
CA ILE B 157 21.54 7.92 4.58
C ILE B 157 22.80 7.47 5.30
N GLU B 158 22.63 6.58 6.26
CA GLU B 158 23.76 6.03 7.03
C GLU B 158 24.74 5.23 6.16
N SER B 159 24.21 4.41 5.26
CA SER B 159 25.02 3.41 4.55
C SER B 159 25.62 3.90 3.24
N VAL B 160 25.02 4.89 2.61
CA VAL B 160 25.47 5.34 1.30
C VAL B 160 25.77 6.82 1.24
N MET B 161 24.80 7.66 1.60
CA MET B 161 24.90 9.14 1.47
C MET B 161 26.01 9.73 2.33
N GLU B 162 25.97 9.43 3.62
CA GLU B 162 26.91 10.03 4.53
C GLU B 162 28.35 9.62 4.22
N PRO B 163 28.64 8.31 4.04
CA PRO B 163 30.00 7.91 3.59
C PRO B 163 30.45 8.54 2.26
N LEU B 164 29.53 8.66 1.31
CA LEU B 164 29.82 9.27 0.01
C LEU B 164 30.25 10.72 0.15
N ARG B 165 29.51 11.49 0.95
CA ARG B 165 29.79 12.92 1.17
C ARG B 165 31.05 13.12 2.01
N GLN B 166 31.38 12.14 2.86
CA GLN B 166 32.63 12.19 3.61
C GLN B 166 33.82 11.96 2.71
N ARG B 167 33.62 11.20 1.63
CA ARG B 167 34.68 10.87 0.69
C ARG B 167 34.95 12.00 -0.29
N LEU B 168 33.86 12.55 -0.83
CA LEU B 168 33.88 13.63 -1.82
C LEU B 168 33.30 14.91 -1.21
N THR B 169 34.14 15.56 -0.41
CA THR B 169 33.76 16.74 0.38
C THR B 169 33.32 17.98 -0.41
N ALA B 170 33.71 18.05 -1.68
CA ALA B 170 33.33 19.14 -2.56
C ALA B 170 32.22 18.77 -3.55
N LEU B 171 31.75 17.52 -3.52
CA LEU B 171 30.67 17.10 -4.43
C LEU B 171 29.36 17.74 -4.02
N LYS B 172 28.68 18.35 -4.98
CA LYS B 172 27.38 18.96 -4.77
C LYS B 172 26.34 17.90 -5.07
N VAL B 173 25.45 17.69 -4.11
CA VAL B 173 24.50 16.61 -4.13
C VAL B 173 23.07 17.12 -3.89
N VAL B 174 22.13 16.75 -4.77
CA VAL B 174 20.71 16.93 -4.48
C VAL B 174 20.12 15.59 -4.02
N PHE B 175 19.61 15.59 -2.79
CA PHE B 175 18.86 14.43 -2.25
C PHE B 175 17.45 14.56 -2.85
N GLU B 176 17.19 13.81 -3.91
CA GLU B 176 15.92 13.95 -4.63
C GLU B 176 14.72 13.47 -3.81
N HIS B 177 13.56 14.02 -4.15
CA HIS B 177 12.25 13.65 -3.57
C HIS B 177 12.30 13.05 -2.17
N ILE B 178 12.63 13.85 -1.18
CA ILE B 178 12.77 13.32 0.18
C ILE B 178 11.40 13.08 0.82
N THR B 179 11.32 12.04 1.64
CA THR B 179 10.03 11.55 2.10
C THR B 179 9.95 11.35 3.62
N THR B 180 11.08 11.57 4.30
CA THR B 180 11.23 11.23 5.72
C THR B 180 11.75 12.36 6.56
N LYS B 181 11.36 12.39 7.83
CA LYS B 181 12.01 13.23 8.84
C LYS B 181 13.52 12.98 8.89
N ASP B 182 13.92 11.74 8.69
CA ASP B 182 15.33 11.38 8.67
C ASP B 182 16.05 12.22 7.63
N ALA B 183 15.50 12.30 6.44
CA ALA B 183 16.15 13.03 5.34
C ALA B 183 16.02 14.53 5.54
N ALA B 184 14.88 14.96 6.09
CA ALA B 184 14.63 16.36 6.36
C ALA B 184 15.65 16.94 7.35
N ASP B 185 15.93 16.23 8.44
CA ASP B 185 16.93 16.66 9.42
C ASP B 185 18.37 16.59 8.83
N TYR B 186 18.63 15.57 7.99
CA TYR B 186 19.95 15.35 7.39
C TYR B 186 20.32 16.52 6.48
N VAL B 187 19.34 16.97 5.70
CA VAL B 187 19.50 18.09 4.79
C VAL B 187 19.47 19.41 5.57
N ARG B 188 18.54 19.56 6.50
CA ARG B 188 18.51 20.78 7.28
C ARG B 188 19.87 21.00 7.93
N ASP B 189 20.46 19.94 8.51
CA ASP B 189 21.77 20.03 9.17
C ASP B 189 23.00 19.87 8.25
N GLY B 190 22.82 19.71 6.94
CA GLY B 190 23.94 19.63 5.99
C GLY B 190 24.63 20.96 5.66
N ASN B 191 25.69 20.86 4.86
CA ASN B 191 26.44 22.05 4.40
C ASN B 191 25.91 22.58 3.07
N GLU B 192 26.53 23.63 2.56
CA GLU B 192 26.07 24.30 1.34
C GLU B 192 26.08 23.46 0.09
N ARG B 193 26.72 22.30 0.14
CA ARG B 193 26.78 21.41 -1.02
C ARG B 193 25.74 20.28 -0.99
N LEU B 194 24.77 20.39 -0.08
CA LEU B 194 23.68 19.43 0.01
C LEU B 194 22.35 20.13 -0.08
N ALA B 195 21.52 19.69 -0.99
CA ALA B 195 20.17 20.24 -1.15
C ALA B 195 19.22 19.07 -1.30
N ALA B 196 17.93 19.38 -1.44
CA ALA B 196 16.88 18.41 -1.59
C ALA B 196 15.69 18.99 -2.37
N THR B 197 14.95 18.12 -3.03
CA THR B 197 13.68 18.46 -3.62
C THR B 197 12.59 17.71 -2.86
N ILE B 198 11.39 18.26 -2.92
CA ILE B 198 10.19 17.63 -2.36
C ILE B 198 9.05 17.81 -3.33
N THR B 199 8.31 16.72 -3.57
CA THR B 199 7.14 16.67 -4.45
C THR B 199 5.88 17.21 -3.77
N PRO B 200 4.83 17.52 -4.53
CA PRO B 200 3.60 17.91 -3.84
C PRO B 200 2.96 16.78 -2.99
N GLN B 201 2.95 15.56 -3.52
CA GLN B 201 2.26 14.43 -2.85
C GLN B 201 2.82 14.08 -1.45
N HIS B 202 4.13 14.19 -1.31
CA HIS B 202 4.77 13.90 -0.04
C HIS B 202 4.54 14.99 1.01
N LEU B 203 4.12 16.17 0.54
CA LEU B 203 3.62 17.25 1.39
C LEU B 203 2.14 17.19 1.70
N MET B 204 1.31 16.77 0.75
CA MET B 204 -0.13 16.79 0.94
C MET B 204 -0.63 15.56 1.69
N PHE B 205 0.09 14.44 1.56
CA PHE B 205 -0.44 13.14 1.97
C PHE B 205 0.57 12.32 2.75
N ASN B 206 0.05 11.31 3.45
CA ASN B 206 0.86 10.26 4.04
C ASN B 206 0.30 8.91 3.58
N ARG B 207 0.88 7.82 4.10
CA ARG B 207 0.48 6.49 3.65
C ARG B 207 -0.98 6.13 3.91
N ASN B 208 -1.57 6.72 4.93
CA ASN B 208 -2.99 6.53 5.19
C ASN B 208 -3.86 6.90 3.97
N HIS B 209 -3.44 7.93 3.24
CA HIS B 209 -4.22 8.41 2.10
C HIS B 209 -4.22 7.41 0.96
N MET B 210 -3.17 6.61 0.87
CA MET B 210 -3.00 5.59 -0.14
C MET B 210 -3.70 4.25 0.24
N LEU B 211 -3.88 4.02 1.54
CA LEU B 211 -4.29 2.69 2.01
C LEU B 211 -5.53 2.61 2.86
N VAL B 212 -6.00 3.73 3.42
CA VAL B 212 -7.24 3.66 4.23
C VAL B 212 -8.50 3.78 3.36
N GLY B 213 -9.40 2.81 3.48
CA GLY B 213 -10.68 2.83 2.76
C GLY B 213 -10.59 2.34 1.33
N GLY B 214 -9.42 1.88 0.90
CA GLY B 214 -9.22 1.39 -0.45
C GLY B 214 -7.78 1.64 -0.82
N VAL B 215 -7.25 0.81 -1.69
CA VAL B 215 -5.91 1.07 -2.15
C VAL B 215 -6.00 1.99 -3.35
N ARG B 216 -5.20 3.05 -3.35
CA ARG B 216 -5.24 4.06 -4.41
C ARG B 216 -3.91 4.09 -5.14
N PRO B 217 -3.83 3.43 -6.31
CA PRO B 217 -2.60 3.35 -7.05
C PRO B 217 -2.10 4.68 -7.56
N HIS B 218 -3.03 5.63 -7.74
CA HIS B 218 -2.65 6.95 -8.25
C HIS B 218 -1.91 7.77 -7.23
N LEU B 219 -1.89 7.31 -5.97
CA LEU B 219 -0.98 7.79 -4.94
C LEU B 219 0.24 6.86 -4.71
N TYR B 220 0.33 5.76 -5.46
CA TYR B 220 1.44 4.85 -5.32
C TYR B 220 2.55 5.38 -6.17
N CYS B 221 3.64 5.72 -5.50
CA CYS B 221 4.81 6.25 -6.12
C CYS B 221 6.00 5.95 -5.21
N LEU B 222 7.18 6.13 -5.78
CA LEU B 222 8.41 5.93 -5.03
C LEU B 222 9.19 7.25 -4.88
N PRO B 223 9.91 7.43 -3.77
CA PRO B 223 9.86 6.59 -2.60
C PRO B 223 8.46 6.59 -1.98
N ILE B 224 8.11 5.50 -1.32
CA ILE B 224 6.77 5.32 -0.82
C ILE B 224 6.39 6.37 0.25
N LEU B 225 5.15 6.84 0.19
CA LEU B 225 4.59 7.73 1.18
C LEU B 225 4.78 7.07 2.51
N LYS B 226 5.18 7.87 3.47
CA LYS B 226 5.51 7.38 4.77
C LYS B 226 4.39 7.78 5.74
N ARG B 227 4.64 7.50 6.99
CA ARG B 227 3.74 7.76 8.08
C ARG B 227 3.68 9.28 8.30
N ASN B 228 2.62 9.75 8.98
CA ASN B 228 2.31 11.18 9.09
C ASN B 228 3.41 12.06 9.73
N ILE B 229 4.15 11.52 10.70
CA ILE B 229 5.24 12.29 11.32
C ILE B 229 6.30 12.67 10.30
N HIS B 230 6.48 11.84 9.27
CA HIS B 230 7.40 12.17 8.19
C HIS B 230 6.91 13.33 7.34
N GLN B 231 5.65 13.22 6.92
CA GLN B 231 4.95 14.27 6.18
C GLN B 231 5.02 15.60 6.93
N GLN B 232 4.77 15.56 8.23
CA GLN B 232 4.84 16.76 9.05
C GLN B 232 6.24 17.38 9.06
N ALA B 233 7.28 16.55 9.15
CA ALA B 233 8.66 17.00 9.02
C ALA B 233 8.91 17.76 7.72
N LEU B 234 8.45 17.18 6.61
CA LEU B 234 8.68 17.77 5.30
C LEU B 234 7.99 19.11 5.19
N ARG B 235 6.75 19.18 5.67
CA ARG B 235 5.98 20.45 5.68
C ARG B 235 6.64 21.53 6.54
N GLU B 236 7.16 21.14 7.71
CA GLU B 236 7.90 22.05 8.57
C GLU B 236 9.19 22.52 7.91
N LEU B 237 9.83 21.64 7.14
CA LEU B 237 11.06 21.98 6.43
C LEU B 237 10.83 23.06 5.36
N VAL B 238 9.84 22.88 4.50
CA VAL B 238 9.57 23.89 3.48
C VAL B 238 9.09 25.21 4.08
N ALA B 239 8.33 25.13 5.16
CA ALA B 239 7.73 26.30 5.81
C ALA B 239 8.76 27.13 6.57
N SER B 240 9.84 26.49 6.99
CA SER B 240 10.88 27.12 7.75
C SER B 240 11.56 28.26 6.99
N GLY B 241 11.51 28.20 5.66
CA GLY B 241 12.29 29.06 4.79
C GLY B 241 13.67 28.56 4.45
N PHE B 242 14.04 27.38 4.93
CA PHE B 242 15.29 26.72 4.57
C PHE B 242 15.48 26.82 3.06
N ASN B 243 16.65 27.28 2.62
CA ASN B 243 16.84 27.71 1.23
C ASN B 243 17.59 26.75 0.31
N ARG B 244 17.84 25.54 0.81
CA ARG B 244 18.35 24.44 0.01
C ARG B 244 17.33 23.31 -0.12
N VAL B 245 16.04 23.66 0.01
CA VAL B 245 14.95 22.87 -0.59
C VAL B 245 14.27 23.64 -1.72
N PHE B 246 13.93 22.89 -2.75
CA PHE B 246 13.26 23.44 -3.87
C PHE B 246 12.32 22.47 -4.60
N LEU B 247 11.51 23.07 -5.45
CA LEU B 247 10.45 22.40 -6.17
C LEU B 247 11.05 21.37 -7.11
N GLY B 248 10.61 20.12 -6.94
CA GLY B 248 10.79 19.02 -7.89
C GLY B 248 9.56 18.12 -7.85
N THR B 249 8.73 18.13 -8.89
CA THR B 249 7.43 17.43 -8.87
C THR B 249 7.56 15.90 -8.77
N ASP B 250 8.61 15.38 -9.40
CA ASP B 250 8.70 13.98 -9.72
C ASP B 250 7.44 13.54 -10.49
N SER B 251 6.82 14.44 -11.24
CA SER B 251 5.75 14.02 -12.12
C SER B 251 6.26 12.77 -12.89
N ALA B 252 5.47 11.70 -12.86
CA ALA B 252 5.91 10.39 -13.33
C ALA B 252 4.70 9.65 -13.92
N PRO B 253 4.31 10.04 -15.14
CA PRO B 253 3.06 9.57 -15.72
C PRO B 253 3.07 8.15 -16.21
N HIS B 254 1.96 7.44 -15.95
CA HIS B 254 1.71 6.10 -16.52
C HIS B 254 0.28 6.03 -17.01
N ALA B 255 0.03 5.26 -18.09
CA ALA B 255 -1.32 5.02 -18.59
C ALA B 255 -2.21 4.43 -17.48
N ARG B 256 -3.50 4.71 -17.55
CA ARG B 256 -4.45 4.37 -16.48
C ARG B 256 -4.39 2.89 -16.10
N HIS B 257 -4.36 2.04 -17.11
CA HIS B 257 -4.43 0.61 -16.87
C HIS B 257 -3.09 -0.04 -16.61
N ARG B 258 -2.02 0.74 -16.67
CA ARG B 258 -0.77 0.37 -16.06
C ARG B 258 -0.70 0.75 -14.57
N LYS B 259 -1.45 1.77 -14.19
CA LYS B 259 -1.63 2.13 -12.78
C LYS B 259 -2.64 1.22 -12.10
N GLU B 260 -3.75 0.97 -12.78
CA GLU B 260 -4.90 0.25 -12.26
C GLU B 260 -4.95 -1.20 -12.76
N SER B 261 -3.98 -1.99 -12.36
CA SER B 261 -3.86 -3.38 -12.75
C SER B 261 -3.48 -4.22 -11.53
N SER B 262 -3.16 -5.48 -11.75
CA SER B 262 -2.72 -6.37 -10.67
C SER B 262 -1.31 -6.05 -10.18
N CYS B 263 -0.54 -5.30 -10.97
CA CYS B 263 0.75 -4.78 -10.50
C CYS B 263 0.94 -3.34 -11.00
N GLY B 264 0.43 -2.40 -10.22
CA GLY B 264 0.40 -1.02 -10.68
C GLY B 264 1.78 -0.38 -10.65
N CYS B 265 2.10 0.37 -11.71
CA CYS B 265 3.37 1.10 -11.78
C CYS B 265 3.36 2.25 -10.81
N ALA B 266 4.54 2.55 -10.29
CA ALA B 266 4.73 3.61 -9.34
C ALA B 266 4.87 4.94 -10.08
N GLY B 267 4.19 5.97 -9.58
CA GLY B 267 4.26 7.29 -10.20
C GLY B 267 2.96 8.07 -10.13
N CYS B 268 3.09 9.31 -9.65
CA CYS B 268 2.03 10.33 -9.69
C CYS B 268 2.23 11.30 -10.84
N PHE B 269 1.22 11.42 -11.70
CA PHE B 269 1.17 12.46 -12.73
C PHE B 269 0.62 13.77 -12.18
N ASN B 270 1.53 14.59 -11.70
CA ASN B 270 1.19 15.76 -10.90
C ASN B 270 1.60 17.06 -11.58
N ALA B 271 2.19 16.99 -12.78
CA ALA B 271 2.52 18.21 -13.53
C ALA B 271 1.37 19.22 -13.68
N PRO B 272 0.13 18.76 -14.02
CA PRO B 272 -0.99 19.69 -14.19
C PRO B 272 -1.38 20.46 -12.95
N THR B 273 -1.18 19.84 -11.78
CA THR B 273 -1.77 20.29 -10.52
C THR B 273 -0.75 20.62 -9.43
N ALA B 274 0.54 20.44 -9.72
CA ALA B 274 1.58 20.56 -8.71
C ALA B 274 1.74 21.99 -8.14
N LEU B 275 1.85 23.01 -8.99
CA LEU B 275 2.16 24.35 -8.47
C LEU B 275 1.07 24.83 -7.49
N GLY B 276 -0.19 24.68 -7.89
CA GLY B 276 -1.34 24.99 -7.02
C GLY B 276 -1.38 24.18 -5.74
N SER B 277 -0.98 22.92 -5.82
CA SER B 277 -0.90 22.05 -4.65
C SER B 277 0.18 22.54 -3.68
N TYR B 278 1.35 22.88 -4.19
CA TYR B 278 2.39 23.50 -3.36
C TYR B 278 1.93 24.80 -2.69
N ALA B 279 1.23 25.66 -3.44
CA ALA B 279 0.67 26.91 -2.92
C ALA B 279 -0.27 26.67 -1.73
N THR B 280 -1.17 25.69 -1.87
CA THR B 280 -2.01 25.26 -0.77
C THR B 280 -1.22 24.83 0.45
N VAL B 281 -0.15 24.05 0.26
CA VAL B 281 0.63 23.61 1.42
C VAL B 281 1.26 24.81 2.12
N PHE B 282 1.94 25.64 1.37
CA PHE B 282 2.53 26.84 1.93
C PHE B 282 1.49 27.77 2.61
N GLU B 283 0.33 27.92 1.99
CA GLU B 283 -0.76 28.69 2.57
C GLU B 283 -1.21 28.10 3.90
N GLU B 284 -1.44 26.79 3.94
CA GLU B 284 -1.85 26.10 5.17
C GLU B 284 -0.83 26.23 6.29
N MET B 285 0.45 26.32 5.93
CA MET B 285 1.56 26.42 6.89
C MET B 285 1.91 27.84 7.30
N ASN B 286 1.11 28.79 6.84
CA ASN B 286 1.33 30.22 7.12
C ASN B 286 2.74 30.63 6.70
N ALA B 287 3.12 30.25 5.48
CA ALA B 287 4.50 30.40 4.96
C ALA B 287 4.55 30.87 3.49
N LEU B 288 3.51 31.56 3.01
CA LEU B 288 3.50 31.99 1.61
C LEU B 288 4.67 32.92 1.25
N GLN B 289 5.24 33.58 2.26
CA GLN B 289 6.38 34.42 2.03
C GLN B 289 7.61 33.62 1.59
N HIS B 290 7.57 32.30 1.77
CA HIS B 290 8.68 31.44 1.38
C HIS B 290 8.40 30.67 0.10
N PHE B 291 7.18 30.82 -0.43
CA PHE B 291 6.72 30.04 -1.58
C PHE B 291 7.57 30.34 -2.82
N GLU B 292 7.74 31.62 -3.13
CA GLU B 292 8.48 32.03 -4.33
C GLU B 292 9.88 31.45 -4.33
N ALA B 293 10.56 31.51 -3.18
CA ALA B 293 11.94 31.03 -3.13
C ALA B 293 12.01 29.51 -3.41
N PHE B 294 11.14 28.73 -2.75
CA PHE B 294 11.02 27.29 -3.05
C PHE B 294 10.83 27.00 -4.56
N CYS B 295 9.87 27.70 -5.16
CA CYS B 295 9.51 27.52 -6.55
C CYS B 295 10.53 28.05 -7.57
N SER B 296 11.20 29.16 -7.25
CA SER B 296 11.81 29.99 -8.30
C SER B 296 13.21 30.56 -8.07
N VAL B 297 13.77 30.39 -6.87
CA VAL B 297 15.06 31.02 -6.48
C VAL B 297 16.04 29.97 -5.91
N ASN B 298 15.59 29.08 -5.02
CA ASN B 298 16.49 28.16 -4.31
C ASN B 298 17.19 27.18 -5.26
N GLY B 299 16.44 26.64 -6.21
CA GLY B 299 17.02 25.74 -7.22
C GLY B 299 18.08 26.39 -8.08
N PRO B 300 17.76 27.52 -8.73
CA PRO B 300 18.75 28.29 -9.47
C PRO B 300 20.01 28.62 -8.67
N GLN B 301 19.83 28.97 -7.40
CA GLN B 301 20.97 29.29 -6.55
C GLN B 301 21.86 28.06 -6.30
N PHE B 302 21.25 26.92 -5.98
CA PHE B 302 22.03 25.70 -5.80
C PHE B 302 22.78 25.31 -7.09
N TYR B 303 22.04 25.31 -8.20
CA TYR B 303 22.61 24.97 -9.50
C TYR B 303 23.51 26.03 -10.18
N GLY B 304 23.66 27.20 -9.56
CA GLY B 304 24.48 28.30 -10.12
C GLY B 304 23.94 28.88 -11.42
N LEU B 305 22.61 28.93 -11.54
CA LEU B 305 21.94 29.41 -12.74
C LEU B 305 21.11 30.63 -12.36
N PRO B 306 20.84 31.51 -13.34
CA PRO B 306 20.05 32.70 -13.12
C PRO B 306 18.61 32.37 -12.83
N VAL B 307 17.97 33.24 -12.06
CA VAL B 307 16.55 33.10 -11.82
C VAL B 307 15.82 33.56 -13.07
N ASN B 308 14.61 33.05 -13.26
CA ASN B 308 13.78 33.44 -14.40
C ASN B 308 13.38 34.88 -14.27
N ASP B 309 13.31 35.59 -15.40
CA ASP B 309 12.97 37.02 -15.40
C ASP B 309 11.51 37.33 -15.79
N THR B 310 10.64 36.34 -15.84
CA THR B 310 9.20 36.57 -16.01
C THR B 310 8.44 36.11 -14.76
N PHE B 311 7.17 36.46 -14.72
CA PHE B 311 6.31 36.27 -13.58
C PHE B 311 5.03 35.62 -14.01
N ILE B 312 4.44 34.90 -13.06
CA ILE B 312 3.13 34.29 -13.23
C ILE B 312 2.28 34.55 -12.00
N GLU B 313 0.97 34.39 -12.16
CA GLU B 313 0.01 34.56 -11.07
C GLU B 313 -0.70 33.25 -10.76
N LEU B 314 -0.97 33.05 -9.48
CA LEU B 314 -1.88 32.04 -8.98
C LEU B 314 -3.07 32.76 -8.35
N VAL B 315 -4.27 32.22 -8.60
CA VAL B 315 -5.50 32.77 -8.07
C VAL B 315 -6.16 31.73 -7.18
N ARG B 316 -6.59 32.16 -6.00
CA ARG B 316 -7.32 31.31 -5.07
C ARG B 316 -8.79 31.23 -5.47
N GLU B 317 -8.99 30.56 -6.61
CA GLU B 317 -10.29 30.23 -7.14
C GLU B 317 -10.29 28.72 -7.41
N GLU B 318 -11.31 28.03 -6.91
CA GLU B 318 -11.46 26.56 -7.00
C GLU B 318 -11.72 26.02 -8.41
N GLN B 319 -10.69 25.38 -8.99
CA GLN B 319 -10.79 24.64 -10.26
C GLN B 319 -11.05 23.13 -10.00
N GLN B 320 -11.88 22.50 -10.80
CA GLN B 320 -11.90 21.06 -10.76
C GLN B 320 -10.88 20.44 -11.70
N VAL B 321 -10.18 19.47 -11.16
CA VAL B 321 -9.18 18.71 -11.89
C VAL B 321 -9.90 17.71 -12.80
N ALA B 322 -9.40 17.56 -14.03
CA ALA B 322 -10.07 16.69 -15.01
C ALA B 322 -10.02 15.25 -14.52
N GLU B 323 -11.04 14.46 -14.84
CA GLU B 323 -11.01 13.04 -14.44
C GLU B 323 -9.89 12.31 -15.17
N SER B 324 -9.75 12.62 -16.45
CA SER B 324 -8.75 11.97 -17.27
C SER B 324 -8.26 12.84 -18.41
N ILE B 325 -7.08 12.49 -18.89
CA ILE B 325 -6.45 13.15 -20.02
C ILE B 325 -6.27 12.09 -21.12
N ALA B 326 -6.78 12.39 -22.31
CA ALA B 326 -6.71 11.44 -23.41
C ALA B 326 -5.27 11.16 -23.87
N LEU B 327 -5.04 9.92 -24.27
CA LEU B 327 -3.80 9.47 -24.93
C LEU B 327 -4.28 8.76 -26.18
N THR B 328 -3.38 8.36 -27.07
CA THR B 328 -3.83 7.67 -28.30
C THR B 328 -4.43 6.31 -27.93
N ASP B 329 -3.85 5.71 -26.88
CA ASP B 329 -4.29 4.44 -26.33
C ASP B 329 -4.37 4.61 -24.81
N ASP B 330 -5.55 4.32 -24.24
CA ASP B 330 -5.82 4.43 -22.80
C ASP B 330 -5.96 5.93 -22.42
N THR B 331 -6.10 6.19 -21.13
CA THR B 331 -6.11 7.55 -20.61
C THR B 331 -5.03 7.72 -19.56
N LEU B 332 -4.80 8.98 -19.21
CA LEU B 332 -3.88 9.36 -18.15
C LEU B 332 -4.72 9.97 -17.03
N VAL B 333 -4.54 9.47 -15.81
CA VAL B 333 -5.31 9.97 -14.67
C VAL B 333 -4.45 11.00 -13.95
N PRO B 334 -4.85 12.29 -13.97
CA PRO B 334 -4.00 13.24 -13.25
C PRO B 334 -4.08 13.03 -11.76
N PHE B 335 -3.02 13.45 -11.09
CA PHE B 335 -2.96 13.49 -9.66
C PHE B 335 -4.12 14.39 -9.24
N LEU B 336 -4.87 13.95 -8.25
CA LEU B 336 -6.09 14.61 -7.81
C LEU B 336 -7.16 14.68 -8.91
N ALA B 337 -7.28 13.65 -9.73
CA ALA B 337 -8.33 13.63 -10.75
C ALA B 337 -9.70 13.82 -10.09
N GLY B 338 -10.59 14.58 -10.73
CA GLY B 338 -11.94 14.82 -10.24
C GLY B 338 -12.05 15.72 -9.02
N GLU B 339 -10.91 16.14 -8.48
CA GLU B 339 -10.85 16.85 -7.20
C GLU B 339 -10.93 18.33 -7.46
N THR B 340 -11.28 19.07 -6.39
CA THR B 340 -11.19 20.52 -6.40
C THR B 340 -9.81 20.90 -5.89
N VAL B 341 -9.24 21.91 -6.52
CA VAL B 341 -7.99 22.53 -6.06
C VAL B 341 -8.26 24.00 -5.69
N ARG B 342 -7.54 24.50 -4.69
CA ARG B 342 -7.81 25.80 -4.08
C ARG B 342 -7.18 26.91 -4.90
N TRP B 343 -6.04 26.61 -5.52
CA TRP B 343 -5.24 27.58 -6.26
C TRP B 343 -5.01 27.13 -7.69
N SER B 344 -5.15 28.04 -8.64
CA SER B 344 -4.88 27.71 -10.04
C SER B 344 -4.14 28.85 -10.75
N VAL B 345 -3.42 28.52 -11.83
CA VAL B 345 -2.57 29.49 -12.52
C VAL B 345 -3.41 30.38 -13.44
N LYS B 346 -3.15 31.69 -13.41
CA LYS B 346 -3.97 32.71 -14.06
C LYS B 346 -3.51 32.92 -15.48
ZN ZN C . -12.16 -8.59 9.73
ZN ZN D . -13.45 -11.13 7.65
N1 OTD E . -10.72 -8.18 5.06
N3 OTD E . -12.09 -7.48 3.19
C4 OTD E . -13.26 -7.95 3.82
C5 OTD E . -13.23 -8.55 5.06
C6 OTD E . -11.85 -8.78 5.73
O61 OTD E . -11.10 -7.66 7.68
C61 OTD E . -11.86 -8.52 7.21
O62 OTD E . -12.61 -9.27 7.81
C41 OTD E . -14.57 -7.79 3.11
O42 OTD E . -15.63 -8.21 3.65
O41 OTD E . -14.45 -7.21 1.99
C2 OTD E . -10.83 -7.61 3.81
O2 OTD E . -9.80 -7.20 3.29
ZN ZN F . 12.08 10.79 -10.44
ZN ZN G . 13.64 8.82 -7.76
N1 OTD H . 8.89 7.65 -8.51
N3 OTD H . 7.96 6.62 -10.43
C4 OTD H . 8.98 7.06 -11.26
C5 OTD H . 10.03 7.84 -10.77
C6 OTD H . 9.99 8.26 -9.30
O61 OTD H . 11.45 7.26 -7.75
C61 OTD H . 11.34 8.14 -8.62
O62 OTD H . 12.21 8.96 -8.98
C41 OTD H . 8.91 6.67 -12.72
O42 OTD H . 9.83 7.06 -13.46
O41 OTD H . 7.93 5.98 -13.08
C2 OTD H . 7.89 6.90 -9.10
O2 OTD H . 6.94 6.48 -8.46
#